data_4IQF
#
_entry.id   4IQF
#
_cell.length_a   62.856
_cell.length_b   191.501
_cell.length_c   89.946
_cell.angle_alpha   90.00
_cell.angle_beta   89.95
_cell.angle_gamma   90.00
#
_symmetry.space_group_name_H-M   'P 1 21 1'
#
loop_
_entity.id
_entity.type
_entity.pdbx_description
1 polymer 'Methionyl-tRNA formyltransferase'
2 non-polymer 1-METHOXY-2-[2-(2-METHOXY-ETHOXY]-ETHANE
3 non-polymer GLYCEROL
4 non-polymer 'SULFATE ION'
5 water water
#
_entity_poly.entity_id   1
_entity_poly.type   'polypeptide(L)'
_entity_poly.pdbx_seq_one_letter_code
;SNA(MSE)IKVVF(MSE)GTPDFSVPVLRRLIEDGYDVIGVVTQPDRPVGRKKVLTPTPVKVEAEKHGIPVLQPLRIREK
DEYEKVLALEPDLIVTAAFGQIVPNEILEAPKYGCINVHASLLPELRGGAPIHYAI(MSE)EGKEKTGITI(MSE)Y
(MSE)VEKLDAGDILTQVEVEIEERETTGSLFDKLSEAGAHLLSKTVPLLIQGKLEPIKQNEEEVTFAYNIKREQEKIDW
TKTGEEVYNHIRGLNPWPVAYTTLAGQVVKVWWGEKVPVTKSAEAGTIVAIEEDGFVVATGNETGVKITELQPSGKKR
(MSE)SCSQFLRGTKPEIGTKLGENA
;
_entity_poly.pdbx_strand_id   A,B,C,D
#
# COMPACT_ATOMS: atom_id res chain seq x y z
N SER A 1 -10.62 2.19 -6.84
CA SER A 1 -11.19 2.42 -5.51
C SER A 1 -12.70 2.58 -5.57
N ASN A 2 -13.14 3.76 -5.99
CA ASN A 2 -14.57 4.05 -6.07
C ASN A 2 -15.02 4.48 -7.44
N ALA A 3 -16.27 4.17 -7.78
CA ALA A 3 -16.89 4.67 -9.00
C ALA A 3 -17.41 6.08 -8.76
N ILE A 5 -15.50 8.47 -8.01
CA ILE A 5 -14.44 9.37 -8.43
C ILE A 5 -14.42 9.52 -9.94
N LYS A 6 -14.85 10.68 -10.43
CA LYS A 6 -14.76 10.99 -11.86
C LYS A 6 -13.31 11.32 -12.21
N VAL A 7 -12.78 10.64 -13.22
CA VAL A 7 -11.39 10.84 -13.60
C VAL A 7 -11.25 11.13 -15.11
N VAL A 8 -10.42 12.12 -15.44
CA VAL A 8 -10.02 12.33 -16.82
C VAL A 8 -8.55 11.98 -16.98
N PHE A 9 -8.23 11.15 -17.97
CA PHE A 9 -6.85 10.74 -18.23
C PHE A 9 -6.31 11.35 -19.51
N GLY A 11 -3.03 11.09 -22.11
CA GLY A 11 -1.84 10.36 -22.53
C GLY A 11 -1.90 9.97 -23.98
N THR A 12 -0.74 9.68 -24.57
CA THR A 12 -0.68 9.36 -26.00
C THR A 12 -0.10 7.96 -26.32
N PRO A 13 1.15 7.68 -25.93
CA PRO A 13 1.76 6.46 -26.46
C PRO A 13 1.50 5.22 -25.60
N ASP A 14 2.18 4.13 -25.93
CA ASP A 14 2.03 2.85 -25.24
C ASP A 14 2.36 2.95 -23.76
N PHE A 15 3.23 3.90 -23.40
CA PHE A 15 3.63 4.10 -22.01
C PHE A 15 2.42 4.40 -21.14
N SER A 16 1.46 5.13 -21.70
CA SER A 16 0.33 5.63 -20.94
C SER A 16 -0.79 4.60 -20.82
N VAL A 17 -0.77 3.60 -21.70
CA VAL A 17 -1.84 2.61 -21.75
C VAL A 17 -2.02 1.77 -20.48
N PRO A 18 -0.93 1.23 -19.90
CA PRO A 18 -1.13 0.50 -18.64
C PRO A 18 -1.64 1.41 -17.53
N VAL A 19 -1.21 2.66 -17.54
CA VAL A 19 -1.66 3.65 -16.57
C VAL A 19 -3.17 3.83 -16.65
N LEU A 20 -3.66 4.07 -17.86
CA LEU A 20 -5.10 4.21 -18.11
C LEU A 20 -5.85 2.92 -17.79
N ARG A 21 -5.31 1.80 -18.25
CA ARG A 21 -5.94 0.50 -18.04
C ARG A 21 -6.12 0.18 -16.57
N ARG A 22 -5.07 0.41 -15.78
CA ARG A 22 -5.12 0.15 -14.35
C ARG A 22 -6.14 1.04 -13.65
N LEU A 23 -6.24 2.30 -14.10
CA LEU A 23 -7.24 3.23 -13.59
C LEU A 23 -8.63 2.65 -13.78
N ILE A 24 -8.87 2.11 -14.97
CA ILE A 24 -10.15 1.52 -15.32
C ILE A 24 -10.44 0.27 -14.48
N GLU A 25 -9.50 -0.67 -14.49
CA GLU A 25 -9.64 -1.92 -13.73
C GLU A 25 -9.82 -1.68 -12.24
N ASP A 26 -9.38 -0.51 -11.77
CA ASP A 26 -9.49 -0.16 -10.36
C ASP A 26 -10.92 0.22 -9.98
N GLY A 27 -11.73 0.55 -10.97
CA GLY A 27 -13.13 0.87 -10.72
C GLY A 27 -13.44 2.35 -10.72
N TYR A 28 -12.41 3.19 -10.92
CA TYR A 28 -12.62 4.63 -11.01
C TYR A 28 -13.49 4.97 -12.21
N ASP A 29 -14.26 6.04 -12.09
CA ASP A 29 -15.15 6.46 -13.17
C ASP A 29 -14.40 7.35 -14.15
N VAL A 30 -13.82 6.74 -15.18
CA VAL A 30 -13.10 7.48 -16.20
C VAL A 30 -14.09 8.05 -17.20
N ILE A 31 -14.35 9.35 -17.09
CA ILE A 31 -15.38 10.01 -17.86
C ILE A 31 -14.90 10.52 -19.22
N GLY A 32 -13.59 10.66 -19.37
CA GLY A 32 -13.03 11.16 -20.61
C GLY A 32 -11.54 10.89 -20.75
N VAL A 33 -11.08 10.84 -21.99
CA VAL A 33 -9.67 10.62 -22.29
C VAL A 33 -9.15 11.65 -23.28
N VAL A 34 -8.04 12.29 -22.94
CA VAL A 34 -7.44 13.27 -23.83
C VAL A 34 -6.12 12.75 -24.37
N THR A 35 -6.03 12.65 -25.69
CA THR A 35 -4.82 12.15 -26.34
C THR A 35 -4.42 13.09 -27.45
N GLN A 36 -3.18 12.97 -27.91
CA GLN A 36 -2.72 13.78 -29.04
C GLN A 36 -3.43 13.34 -30.31
N PRO A 37 -3.48 14.22 -31.32
CA PRO A 37 -3.95 13.80 -32.64
C PRO A 37 -3.10 12.64 -33.15
N ASP A 38 -3.68 11.82 -34.01
CA ASP A 38 -2.99 10.64 -34.51
C ASP A 38 -1.82 11.00 -35.42
N ARG A 39 -0.66 10.43 -35.13
CA ARG A 39 0.57 10.71 -35.89
C ARG A 39 1.10 9.43 -36.54
N PRO A 40 1.80 9.56 -37.69
CA PRO A 40 2.32 8.41 -38.43
C PRO A 40 3.25 7.51 -37.61
N VAL A 41 3.13 6.20 -37.80
CA VAL A 41 3.96 5.24 -37.07
C VAL A 41 4.56 4.18 -38.00
N GLY A 42 5.67 3.58 -37.58
CA GLY A 42 6.25 2.44 -38.27
C GLY A 42 7.22 2.75 -39.40
N ARG A 43 7.69 1.72 -40.08
CA ARG A 43 8.55 1.87 -41.23
C ARG A 43 7.82 2.62 -42.34
N LYS A 44 6.53 2.34 -42.46
CA LYS A 44 5.71 2.91 -43.54
C LYS A 44 5.19 4.30 -43.19
N LYS A 45 5.37 4.70 -41.93
CA LYS A 45 4.82 5.97 -41.43
C LYS A 45 3.32 6.06 -41.66
N VAL A 46 2.57 5.10 -41.11
CA VAL A 46 1.12 5.06 -41.28
C VAL A 46 0.40 5.79 -40.14
N LEU A 47 -0.62 6.56 -40.50
CA LEU A 47 -1.47 7.22 -39.50
C LEU A 47 -2.25 6.16 -38.73
N THR A 48 -2.21 6.26 -37.41
CA THR A 48 -2.76 5.23 -36.55
C THR A 48 -3.35 5.84 -35.31
N PRO A 49 -4.53 5.36 -34.88
CA PRO A 49 -5.10 5.77 -33.60
C PRO A 49 -4.08 5.59 -32.49
N THR A 50 -3.84 6.63 -31.70
CA THR A 50 -2.84 6.57 -30.64
C THR A 50 -3.16 5.41 -29.70
N PRO A 51 -2.11 4.78 -29.14
CA PRO A 51 -2.25 3.64 -28.22
C PRO A 51 -3.27 3.88 -27.10
N VAL A 52 -3.37 5.11 -26.63
CA VAL A 52 -4.34 5.45 -25.58
C VAL A 52 -5.74 5.56 -26.17
N LYS A 53 -5.83 6.15 -27.36
CA LYS A 53 -7.09 6.25 -28.07
C LYS A 53 -7.67 4.86 -28.31
N VAL A 54 -6.83 3.93 -28.75
CA VAL A 54 -7.26 2.56 -28.99
C VAL A 54 -7.77 1.91 -27.72
N GLU A 55 -7.00 2.01 -26.64
CA GLU A 55 -7.40 1.43 -25.36
C GLU A 55 -8.69 2.05 -24.83
N ALA A 56 -8.80 3.36 -24.97
CA ALA A 56 -9.97 4.10 -24.48
C ALA A 56 -11.25 3.68 -25.20
N GLU A 57 -11.17 3.58 -26.53
CA GLU A 57 -12.35 3.28 -27.35
C GLU A 57 -12.76 1.80 -27.24
N LYS A 58 -11.92 0.99 -26.62
CA LYS A 58 -12.29 -0.39 -26.32
C LYS A 58 -13.31 -0.41 -25.19
N HIS A 59 -13.27 0.61 -24.36
CA HIS A 59 -14.17 0.71 -23.20
C HIS A 59 -15.36 1.62 -23.47
N GLY A 60 -15.33 2.31 -24.60
CA GLY A 60 -16.39 3.25 -24.92
C GLY A 60 -16.28 4.53 -24.10
N ILE A 61 -15.05 4.95 -23.87
CA ILE A 61 -14.78 6.21 -23.19
C ILE A 61 -14.47 7.27 -24.24
N PRO A 62 -15.20 8.39 -24.21
CA PRO A 62 -15.05 9.47 -25.19
C PRO A 62 -13.63 10.03 -25.22
N VAL A 63 -13.09 10.18 -26.42
CA VAL A 63 -11.72 10.65 -26.58
C VAL A 63 -11.64 12.05 -27.17
N LEU A 64 -11.05 12.96 -26.41
CA LEU A 64 -10.76 14.30 -26.90
C LEU A 64 -9.37 14.32 -27.49
N GLN A 65 -9.25 14.84 -28.70
CA GLN A 65 -7.94 14.91 -29.37
C GLN A 65 -7.70 16.31 -29.94
N PRO A 66 -7.46 17.30 -29.06
CA PRO A 66 -7.26 18.68 -29.50
C PRO A 66 -5.84 18.89 -30.03
N LEU A 67 -5.66 19.84 -30.95
CA LEU A 67 -4.33 20.18 -31.43
C LEU A 67 -3.55 20.77 -30.26
N ARG A 68 -4.19 21.68 -29.54
CA ARG A 68 -3.60 22.29 -28.36
C ARG A 68 -4.66 22.48 -27.27
N ILE A 69 -4.50 21.73 -26.19
CA ILE A 69 -5.44 21.75 -25.07
C ILE A 69 -5.40 23.09 -24.34
N ARG A 70 -4.32 23.84 -24.54
CA ARG A 70 -4.14 25.14 -23.88
C ARG A 70 -5.07 26.23 -24.43
N GLU A 71 -5.92 25.86 -25.39
CA GLU A 71 -6.86 26.81 -25.98
C GLU A 71 -8.27 26.68 -25.38
N LYS A 72 -8.97 27.81 -25.30
CA LYS A 72 -10.25 27.91 -24.60
C LYS A 72 -11.28 26.88 -25.02
N ASP A 73 -11.60 26.85 -26.32
CA ASP A 73 -12.58 25.92 -26.87
C ASP A 73 -12.27 24.47 -26.50
N GLU A 74 -10.98 24.14 -26.44
CA GLU A 74 -10.56 22.77 -26.16
C GLU A 74 -10.62 22.45 -24.68
N TYR A 75 -10.07 23.32 -23.84
CA TYR A 75 -10.04 23.02 -22.41
C TYR A 75 -11.39 23.17 -21.73
N GLU A 76 -12.31 23.89 -22.36
CA GLU A 76 -13.68 24.00 -21.85
C GLU A 76 -14.40 22.67 -21.98
N LYS A 77 -14.05 21.90 -23.01
CA LYS A 77 -14.58 20.56 -23.18
C LYS A 77 -14.23 19.73 -21.96
N VAL A 78 -12.98 19.84 -21.53
CA VAL A 78 -12.50 19.12 -20.36
C VAL A 78 -13.17 19.64 -19.09
N LEU A 79 -13.29 20.96 -18.98
CA LEU A 79 -13.94 21.58 -17.83
C LEU A 79 -15.39 21.15 -17.70
N ALA A 80 -16.02 20.86 -18.84
CA ALA A 80 -17.41 20.44 -18.87
C ALA A 80 -17.62 19.10 -18.19
N LEU A 81 -16.67 18.19 -18.38
CA LEU A 81 -16.76 16.84 -17.83
C LEU A 81 -16.74 16.83 -16.29
N GLU A 82 -16.25 17.93 -15.72
CA GLU A 82 -16.13 18.08 -14.26
C GLU A 82 -15.48 16.91 -13.55
N PRO A 83 -14.21 16.61 -13.89
CA PRO A 83 -13.53 15.49 -13.23
C PRO A 83 -13.08 15.87 -11.83
N ASP A 84 -13.06 14.89 -10.92
CA ASP A 84 -12.60 15.13 -9.56
C ASP A 84 -11.08 14.93 -9.48
N LEU A 85 -10.53 14.27 -10.48
CA LEU A 85 -9.09 14.05 -10.55
C LEU A 85 -8.66 13.95 -12.00
N ILE A 86 -7.50 14.52 -12.30
CA ILE A 86 -6.92 14.40 -13.63
C ILE A 86 -5.56 13.74 -13.55
N VAL A 87 -5.39 12.65 -14.29
CA VAL A 87 -4.13 11.95 -14.33
C VAL A 87 -3.55 12.03 -15.74
N THR A 88 -2.25 12.30 -15.82
CA THR A 88 -1.58 12.30 -17.12
C THR A 88 -0.35 11.41 -17.09
N ALA A 89 -0.05 10.81 -18.24
CA ALA A 89 1.14 10.00 -18.39
C ALA A 89 1.59 10.11 -19.85
N ALA A 90 2.80 10.63 -20.06
CA ALA A 90 3.33 10.82 -21.41
C ALA A 90 2.39 11.63 -22.29
N PHE A 91 1.86 12.71 -21.73
CA PHE A 91 0.99 13.62 -22.47
C PHE A 91 1.80 14.83 -22.90
N GLY A 92 2.05 14.94 -24.21
CA GLY A 92 2.96 15.93 -24.74
C GLY A 92 2.33 17.26 -25.12
N GLN A 93 1.38 17.72 -24.31
CA GLN A 93 0.78 19.03 -24.53
C GLN A 93 0.80 19.84 -23.24
N ILE A 94 0.73 21.16 -23.39
CA ILE A 94 0.71 22.07 -22.24
C ILE A 94 -0.67 22.16 -21.63
N VAL A 95 -0.80 21.66 -20.40
CA VAL A 95 -2.08 21.71 -19.71
C VAL A 95 -2.24 23.06 -19.02
N PRO A 96 -3.26 23.82 -19.44
CA PRO A 96 -3.48 25.20 -18.97
C PRO A 96 -3.78 25.27 -17.48
N ASN A 97 -3.53 26.42 -16.88
CA ASN A 97 -3.82 26.66 -15.47
C ASN A 97 -5.29 26.43 -15.16
N GLU A 98 -6.14 26.72 -16.14
CA GLU A 98 -7.58 26.55 -15.99
C GLU A 98 -7.93 25.10 -15.67
N ILE A 99 -7.35 24.17 -16.44
CA ILE A 99 -7.55 22.76 -16.20
C ILE A 99 -6.84 22.33 -14.92
N LEU A 100 -5.65 22.88 -14.69
CA LEU A 100 -4.86 22.54 -13.50
C LEU A 100 -5.58 22.87 -12.20
N GLU A 101 -6.17 24.05 -12.14
CA GLU A 101 -6.86 24.52 -10.94
C GLU A 101 -8.26 23.93 -10.81
N ALA A 102 -8.71 23.25 -11.86
CA ALA A 102 -10.09 22.77 -11.93
C ALA A 102 -10.47 21.64 -10.96
N PRO A 103 -9.79 20.48 -11.05
CA PRO A 103 -10.35 19.32 -10.33
C PRO A 103 -10.16 19.39 -8.82
N LYS A 104 -11.02 18.67 -8.10
CA LYS A 104 -11.04 18.68 -6.65
C LYS A 104 -9.76 18.12 -6.02
N TYR A 105 -9.26 17.02 -6.57
CA TYR A 105 -8.11 16.34 -5.98
C TYR A 105 -6.81 16.61 -6.74
N GLY A 106 -6.85 17.62 -7.59
CA GLY A 106 -5.66 18.08 -8.29
C GLY A 106 -5.35 17.29 -9.55
N CYS A 107 -4.36 17.77 -10.29
CA CYS A 107 -3.89 17.09 -11.50
C CYS A 107 -2.53 16.44 -11.21
N ILE A 108 -2.46 15.13 -11.36
CA ILE A 108 -1.23 14.41 -11.07
C ILE A 108 -0.61 13.76 -12.31
N ASN A 109 0.71 13.76 -12.36
CA ASN A 109 1.44 13.18 -13.48
C ASN A 109 2.27 11.98 -13.03
N VAL A 110 2.37 10.98 -13.90
CA VAL A 110 3.22 9.83 -13.66
C VAL A 110 4.48 10.01 -14.50
N HIS A 111 5.59 10.37 -13.85
CA HIS A 111 6.81 10.72 -14.56
C HIS A 111 7.89 9.64 -14.44
N ALA A 112 8.54 9.34 -15.56
CA ALA A 112 9.45 8.20 -15.67
C ALA A 112 10.89 8.47 -15.23
N SER A 113 11.05 9.27 -14.19
CA SER A 113 12.37 9.42 -13.55
C SER A 113 12.18 9.60 -12.06
N LEU A 114 13.29 9.62 -11.32
CA LEU A 114 13.24 9.92 -9.89
C LEU A 114 13.55 11.38 -9.68
N LEU A 115 12.52 12.22 -9.76
CA LEU A 115 12.64 13.66 -9.62
C LEU A 115 13.27 14.03 -8.26
N PRO A 116 13.99 15.15 -8.20
CA PRO A 116 14.21 16.18 -9.23
C PRO A 116 15.20 15.80 -10.34
N GLU A 117 15.65 14.55 -10.37
CA GLU A 117 16.53 14.10 -11.44
C GLU A 117 15.78 13.86 -12.76
N LEU A 118 16.47 14.10 -13.86
CA LEU A 118 15.96 13.82 -15.20
C LEU A 118 14.54 14.34 -15.46
N ARG A 119 14.35 15.65 -15.32
CA ARG A 119 13.11 16.27 -15.78
C ARG A 119 13.12 16.28 -17.30
N GLY A 120 11.95 16.43 -17.90
CA GLY A 120 11.88 16.60 -19.34
C GLY A 120 11.45 15.38 -20.12
N GLY A 121 11.77 15.38 -21.41
CA GLY A 121 11.24 14.41 -22.35
C GLY A 121 11.87 13.03 -22.40
N ALA A 122 13.18 12.96 -22.20
CA ALA A 122 13.89 11.68 -22.34
C ALA A 122 14.59 11.18 -21.08
N PRO A 123 13.84 10.95 -19.99
CA PRO A 123 14.53 10.51 -18.78
C PRO A 123 14.95 9.04 -18.85
N ILE A 124 14.20 8.23 -19.58
CA ILE A 124 14.52 6.81 -19.71
C ILE A 124 15.81 6.61 -20.51
N HIS A 125 15.95 7.36 -21.60
CA HIS A 125 17.18 7.33 -22.38
C HIS A 125 18.35 7.81 -21.53
N TYR A 126 18.16 8.93 -20.84
CA TYR A 126 19.22 9.55 -20.05
C TYR A 126 19.74 8.66 -18.93
N ALA A 127 18.82 8.08 -18.16
CA ALA A 127 19.19 7.22 -17.04
C ALA A 127 20.13 6.10 -17.48
N ILE A 128 19.76 5.40 -18.55
CA ILE A 128 20.58 4.31 -19.05
C ILE A 128 21.91 4.84 -19.60
N GLU A 130 23.46 7.56 -18.90
CA GLU A 130 24.29 8.09 -17.82
C GLU A 130 24.77 6.96 -16.92
N GLY A 131 24.43 5.73 -17.28
CA GLY A 131 24.81 4.57 -16.50
C GLY A 131 24.25 4.64 -15.10
N LYS A 132 22.99 5.08 -15.00
CA LYS A 132 22.35 5.25 -13.71
C LYS A 132 22.29 3.94 -12.92
N GLU A 133 22.49 4.04 -11.62
N GLU A 133 22.47 4.05 -11.62
CA GLU A 133 22.39 2.90 -10.73
CA GLU A 133 22.40 2.90 -10.72
C GLU A 133 20.98 2.31 -10.80
C GLU A 133 20.99 2.30 -10.72
N LYS A 134 20.00 3.16 -10.55
CA LYS A 134 18.60 2.75 -10.62
C LYS A 134 17.74 3.96 -11.00
N THR A 135 16.71 3.71 -11.80
CA THR A 135 15.76 4.76 -12.13
C THR A 135 14.43 4.44 -11.46
N GLY A 136 13.36 5.11 -11.86
CA GLY A 136 12.06 4.82 -11.29
C GLY A 136 10.93 5.70 -11.80
N ILE A 137 9.81 5.64 -11.10
CA ILE A 137 8.64 6.42 -11.45
C ILE A 137 8.32 7.43 -10.36
N THR A 138 8.15 8.69 -10.76
CA THR A 138 7.71 9.73 -9.85
C THR A 138 6.27 10.10 -10.18
N ILE A 139 5.43 10.16 -9.14
CA ILE A 139 4.08 10.68 -9.30
C ILE A 139 3.94 11.98 -8.52
N TYR A 141 2.43 16.41 -8.55
CA TYR A 141 1.44 17.36 -9.01
C TYR A 141 1.90 18.06 -10.28
N VAL A 143 2.06 21.46 -12.54
CA VAL A 143 2.03 22.91 -12.43
C VAL A 143 2.40 23.53 -13.76
N GLU A 144 2.63 24.85 -13.77
CA GLU A 144 3.04 25.54 -14.98
C GLU A 144 4.40 25.05 -15.47
N LYS A 145 5.40 25.16 -14.62
CA LYS A 145 6.76 24.75 -14.97
C LYS A 145 6.82 23.24 -15.16
N LEU A 146 7.53 22.80 -16.20
CA LEU A 146 7.60 21.40 -16.57
C LEU A 146 8.27 20.54 -15.49
N ASP A 147 7.53 19.54 -15.02
CA ASP A 147 8.05 18.54 -14.08
C ASP A 147 8.57 19.12 -12.77
N ALA A 148 8.04 20.28 -12.39
CA ALA A 148 8.54 20.99 -11.21
C ALA A 148 7.57 20.94 -10.02
N GLY A 149 6.47 20.23 -10.18
CA GLY A 149 5.46 20.13 -9.15
C GLY A 149 5.87 19.28 -7.95
N ASP A 150 5.17 19.46 -6.84
CA ASP A 150 5.47 18.73 -5.60
C ASP A 150 5.29 17.24 -5.78
N ILE A 151 6.25 16.47 -5.27
CA ILE A 151 6.26 15.02 -5.41
C ILE A 151 5.32 14.35 -4.41
N LEU A 152 4.41 13.52 -4.92
CA LEU A 152 3.49 12.77 -4.08
C LEU A 152 4.07 11.43 -3.65
N THR A 153 4.37 10.59 -4.65
CA THR A 153 4.92 9.26 -4.39
C THR A 153 5.99 8.89 -5.42
N GLN A 154 6.80 7.89 -5.07
CA GLN A 154 7.89 7.43 -5.93
C GLN A 154 8.17 5.95 -5.74
N VAL A 155 8.73 5.33 -6.77
CA VAL A 155 9.15 3.93 -6.68
C VAL A 155 10.46 3.73 -7.44
N GLU A 156 11.28 2.79 -6.95
CA GLU A 156 12.57 2.52 -7.57
C GLU A 156 12.49 1.31 -8.51
N VAL A 157 13.19 1.41 -9.64
CA VAL A 157 13.30 0.30 -10.58
C VAL A 157 14.74 0.14 -11.03
N GLU A 158 15.29 -1.06 -10.84
CA GLU A 158 16.69 -1.31 -11.17
C GLU A 158 16.91 -1.41 -12.67
N ILE A 159 18.06 -0.92 -13.12
CA ILE A 159 18.43 -1.03 -14.53
C ILE A 159 19.42 -2.18 -14.73
N GLU A 160 18.93 -3.28 -15.28
CA GLU A 160 19.75 -4.47 -15.50
C GLU A 160 20.87 -4.26 -16.52
N GLU A 161 21.81 -5.19 -16.55
CA GLU A 161 23.01 -5.10 -17.37
C GLU A 161 22.73 -5.05 -18.87
N ARG A 162 21.73 -5.82 -19.31
CA ARG A 162 21.43 -5.91 -20.74
C ARG A 162 20.16 -5.16 -21.13
N GLU A 163 19.81 -4.16 -20.34
CA GLU A 163 18.63 -3.34 -20.60
C GLU A 163 18.80 -2.48 -21.84
N THR A 164 17.76 -2.45 -22.66
CA THR A 164 17.64 -1.43 -23.69
C THR A 164 16.69 -0.38 -23.15
N THR A 165 16.63 0.77 -23.79
CA THR A 165 15.69 1.80 -23.40
C THR A 165 14.26 1.30 -23.58
N GLY A 166 14.03 0.56 -24.66
CA GLY A 166 12.72 0.00 -24.95
C GLY A 166 12.24 -0.98 -23.91
N SER A 167 13.17 -1.69 -23.27
CA SER A 167 12.81 -2.69 -22.27
C SER A 167 12.54 -2.05 -20.91
N LEU A 168 13.20 -0.91 -20.67
CA LEU A 168 12.99 -0.18 -19.43
C LEU A 168 11.69 0.62 -19.51
N PHE A 169 11.30 0.94 -20.73
CA PHE A 169 10.03 1.62 -20.99
C PHE A 169 8.88 0.78 -20.44
N ASP A 170 8.84 -0.49 -20.83
CA ASP A 170 7.81 -1.40 -20.35
C ASP A 170 7.89 -1.55 -18.84
N LYS A 171 9.11 -1.74 -18.32
CA LYS A 171 9.31 -1.91 -16.89
C LYS A 171 8.82 -0.71 -16.08
N LEU A 172 9.14 0.49 -16.55
CA LEU A 172 8.75 1.71 -15.86
C LEU A 172 7.26 1.99 -16.02
N SER A 173 6.73 1.66 -17.20
CA SER A 173 5.31 1.82 -17.45
C SER A 173 4.48 0.94 -16.52
N GLU A 174 4.86 -0.33 -16.43
CA GLU A 174 4.17 -1.29 -15.57
C GLU A 174 4.25 -0.89 -14.11
N ALA A 175 5.42 -0.41 -13.68
CA ALA A 175 5.61 0.02 -12.31
C ALA A 175 4.89 1.33 -12.03
N GLY A 176 4.61 2.08 -13.08
CA GLY A 176 3.92 3.35 -12.96
C GLY A 176 2.44 3.18 -12.70
N ALA A 177 1.82 2.30 -13.47
CA ALA A 177 0.39 2.00 -13.32
C ALA A 177 0.11 1.43 -11.93
N HIS A 178 1.06 0.67 -11.42
CA HIS A 178 0.93 0.08 -10.09
C HIS A 178 1.02 1.15 -9.00
N LEU A 179 2.06 1.97 -9.09
CA LEU A 179 2.28 3.04 -8.12
C LEU A 179 1.10 3.98 -8.08
N LEU A 180 0.54 4.27 -9.26
CA LEU A 180 -0.64 5.12 -9.36
C LEU A 180 -1.82 4.53 -8.61
N SER A 181 -2.08 3.24 -8.84
CA SER A 181 -3.18 2.54 -8.17
C SER A 181 -3.01 2.58 -6.65
N LYS A 182 -1.76 2.52 -6.22
CA LYS A 182 -1.43 2.54 -4.80
C LYS A 182 -1.47 3.98 -4.29
N THR A 183 -1.35 4.93 -5.21
CA THR A 183 -1.27 6.34 -4.87
C THR A 183 -2.62 7.03 -4.72
N VAL A 184 -3.50 6.81 -5.70
CA VAL A 184 -4.78 7.52 -5.76
C VAL A 184 -5.65 7.48 -4.49
N PRO A 185 -5.84 6.28 -3.88
CA PRO A 185 -6.62 6.31 -2.64
C PRO A 185 -5.90 7.11 -1.55
N LEU A 186 -4.59 6.93 -1.44
CA LEU A 186 -3.79 7.66 -0.45
C LEU A 186 -3.87 9.16 -0.67
N LEU A 187 -3.89 9.56 -1.94
CA LEU A 187 -3.99 10.97 -2.31
C LEU A 187 -5.32 11.56 -1.87
N ILE A 188 -6.40 10.92 -2.29
CA ILE A 188 -7.75 11.36 -1.98
C ILE A 188 -8.02 11.36 -0.47
N GLN A 189 -7.45 10.39 0.23
CA GLN A 189 -7.67 10.26 1.66
C GLN A 189 -6.73 11.14 2.48
N GLY A 190 -5.98 12.00 1.80
CA GLY A 190 -5.10 12.95 2.46
C GLY A 190 -3.92 12.31 3.18
N LYS A 191 -3.67 11.04 2.87
CA LYS A 191 -2.59 10.30 3.50
C LYS A 191 -1.24 10.59 2.84
N LEU A 192 -1.26 11.44 1.80
CA LEU A 192 -0.05 11.77 1.06
C LEU A 192 0.50 13.15 1.41
N GLU A 193 1.82 13.24 1.46
CA GLU A 193 2.51 14.45 1.85
C GLU A 193 3.38 14.95 0.70
N PRO A 194 2.91 15.99 -0.02
CA PRO A 194 3.62 16.55 -1.17
C PRO A 194 5.01 17.07 -0.81
N ILE A 195 6.02 16.62 -1.54
CA ILE A 195 7.40 17.01 -1.29
C ILE A 195 7.89 17.97 -2.37
N LYS A 196 8.17 19.21 -1.98
CA LYS A 196 8.69 20.19 -2.93
C LYS A 196 10.05 19.74 -3.43
N GLN A 197 10.27 19.88 -4.73
CA GLN A 197 11.52 19.46 -5.35
C GLN A 197 12.66 20.41 -5.00
N ASN A 198 13.83 19.85 -4.70
CA ASN A 198 15.02 20.64 -4.42
C ASN A 198 15.68 21.08 -5.72
N GLU A 199 15.56 22.37 -6.03
CA GLU A 199 16.08 22.93 -7.27
C GLU A 199 17.59 22.74 -7.42
N GLU A 200 18.27 22.50 -6.31
CA GLU A 200 19.71 22.22 -6.33
C GLU A 200 20.00 20.92 -7.06
N GLU A 201 19.11 19.94 -6.86
CA GLU A 201 19.33 18.58 -7.35
C GLU A 201 18.71 18.31 -8.71
N VAL A 202 18.20 19.36 -9.35
CA VAL A 202 17.50 19.20 -10.62
C VAL A 202 18.44 18.94 -11.79
N THR A 203 18.18 17.85 -12.52
CA THR A 203 18.85 17.62 -13.80
C THR A 203 17.79 17.49 -14.88
N PHE A 204 18.09 17.99 -16.07
CA PHE A 204 17.14 17.95 -17.17
C PHE A 204 17.50 16.90 -18.21
N ALA A 205 16.58 15.99 -18.48
CA ALA A 205 16.75 14.99 -19.53
C ALA A 205 16.19 15.52 -20.84
N TYR A 206 16.90 16.46 -21.45
CA TYR A 206 16.45 17.09 -22.67
C TYR A 206 16.37 16.13 -23.85
N ASN A 207 15.40 16.39 -24.73
CA ASN A 207 15.15 15.56 -25.91
C ASN A 207 16.39 15.34 -26.77
N ILE A 208 16.56 14.13 -27.27
CA ILE A 208 17.77 13.74 -27.98
C ILE A 208 17.89 14.38 -29.37
N LYS A 209 18.87 15.25 -29.52
CA LYS A 209 19.21 15.80 -30.82
C LYS A 209 20.07 14.79 -31.56
N ARG A 210 20.09 14.87 -32.89
CA ARG A 210 20.83 13.91 -33.70
C ARG A 210 22.33 13.89 -33.38
N GLU A 211 22.88 15.04 -33.03
CA GLU A 211 24.29 15.14 -32.66
C GLU A 211 24.61 14.40 -31.37
N GLN A 212 23.58 14.08 -30.59
CA GLN A 212 23.77 13.32 -29.36
C GLN A 212 23.69 11.81 -29.60
N GLU A 213 23.14 11.44 -30.76
CA GLU A 213 23.09 10.04 -31.15
C GLU A 213 24.49 9.53 -31.50
N LYS A 214 25.35 10.45 -31.93
CA LYS A 214 26.68 10.10 -32.41
C LYS A 214 27.52 9.48 -31.30
N ILE A 215 28.03 8.28 -31.57
CA ILE A 215 28.88 7.56 -30.62
C ILE A 215 30.17 8.32 -30.38
N ASP A 216 30.47 8.59 -29.11
CA ASP A 216 31.73 9.20 -28.73
C ASP A 216 32.72 8.11 -28.34
N TRP A 217 33.53 7.67 -29.32
CA TRP A 217 34.50 6.61 -29.10
C TRP A 217 35.56 7.00 -28.05
N THR A 218 35.72 8.29 -27.85
CA THR A 218 36.68 8.80 -26.86
C THR A 218 36.35 8.34 -25.45
N LYS A 219 35.06 8.19 -25.17
CA LYS A 219 34.60 7.80 -23.84
C LYS A 219 34.96 6.36 -23.50
N THR A 220 34.69 5.97 -22.25
CA THR A 220 34.98 4.61 -21.81
C THR A 220 34.10 3.62 -22.53
N GLY A 221 34.58 2.40 -22.69
CA GLY A 221 33.82 1.34 -23.31
C GLY A 221 32.55 1.05 -22.52
N GLU A 222 32.63 1.29 -21.22
CA GLU A 222 31.46 1.17 -20.35
C GLU A 222 30.41 2.21 -20.71
N GLU A 223 30.86 3.41 -21.07
CA GLU A 223 29.94 4.50 -21.41
C GLU A 223 29.35 4.33 -22.81
N VAL A 224 30.14 3.83 -23.75
CA VAL A 224 29.68 3.61 -25.11
C VAL A 224 28.64 2.49 -25.15
N TYR A 225 28.82 1.50 -24.27
CA TYR A 225 27.88 0.39 -24.15
C TYR A 225 26.52 0.90 -23.68
N ASN A 226 26.53 1.71 -22.63
CA ASN A 226 25.29 2.29 -22.10
C ASN A 226 24.72 3.34 -23.07
N HIS A 227 25.57 3.90 -23.91
CA HIS A 227 25.15 4.85 -24.93
C HIS A 227 24.36 4.14 -26.02
N ILE A 228 24.82 2.94 -26.38
CA ILE A 228 24.19 2.17 -27.44
C ILE A 228 22.86 1.57 -26.99
N ARG A 229 22.84 0.98 -25.80
CA ARG A 229 21.62 0.36 -25.28
C ARG A 229 20.61 1.41 -24.80
N GLY A 230 21.12 2.57 -24.40
CA GLY A 230 20.26 3.66 -23.95
C GLY A 230 19.53 4.32 -25.10
N LEU A 231 19.98 4.07 -26.32
CA LEU A 231 19.34 4.61 -27.50
C LEU A 231 18.63 3.52 -28.30
N ASN A 232 18.54 2.34 -27.71
CA ASN A 232 17.91 1.22 -28.37
C ASN A 232 16.55 0.94 -27.71
N PRO A 233 15.40 0.72 -28.50
CA PRO A 233 15.58 0.81 -29.95
C PRO A 233 15.16 2.10 -30.68
N TRP A 234 14.85 3.17 -29.98
CA TRP A 234 14.63 4.48 -30.57
C TRP A 234 15.41 5.44 -29.70
N PRO A 235 16.22 6.45 -30.24
CA PRO A 235 16.28 6.51 -31.71
C PRO A 235 17.50 5.89 -32.40
N VAL A 236 18.31 5.14 -31.65
CA VAL A 236 19.49 4.39 -32.13
C VAL A 236 20.74 5.23 -32.41
N ALA A 237 21.85 4.84 -31.78
CA ALA A 237 23.12 5.52 -31.95
C ALA A 237 23.74 5.23 -33.32
N TYR A 238 24.66 6.09 -33.74
CA TYR A 238 25.33 5.90 -35.03
C TYR A 238 26.82 6.21 -34.98
N THR A 239 27.52 5.75 -36.01
CA THR A 239 28.93 6.06 -36.20
C THR A 239 29.24 6.06 -37.69
N THR A 240 30.53 5.98 -38.04
CA THR A 240 30.92 6.00 -39.44
C THR A 240 31.86 4.85 -39.81
N LEU A 241 31.52 4.14 -40.87
CA LEU A 241 32.42 3.12 -41.42
C LEU A 241 32.40 3.12 -42.96
N ALA A 242 33.58 3.23 -43.54
CA ALA A 242 33.76 3.28 -44.99
C ALA A 242 33.04 4.47 -45.62
N GLY A 243 32.71 5.47 -44.81
CA GLY A 243 32.04 6.66 -45.29
C GLY A 243 30.55 6.67 -44.99
N GLN A 244 30.03 5.50 -44.62
CA GLN A 244 28.61 5.35 -44.31
C GLN A 244 28.31 5.71 -42.85
N VAL A 245 27.18 6.36 -42.64
CA VAL A 245 26.65 6.55 -41.29
C VAL A 245 26.00 5.24 -40.88
N VAL A 246 26.57 4.57 -39.89
CA VAL A 246 26.09 3.26 -39.49
C VAL A 246 25.38 3.30 -38.14
N LYS A 247 24.08 3.03 -38.16
CA LYS A 247 23.32 2.88 -36.93
C LYS A 247 23.80 1.65 -36.17
N VAL A 248 24.34 1.88 -34.99
CA VAL A 248 24.83 0.79 -34.15
C VAL A 248 23.75 0.43 -33.15
N TRP A 249 23.18 -0.76 -33.32
CA TRP A 249 22.06 -1.20 -32.49
C TRP A 249 22.50 -1.87 -31.20
N TRP A 250 23.54 -2.67 -31.27
CA TRP A 250 24.01 -3.37 -30.08
C TRP A 250 25.52 -3.60 -30.12
N GLY A 251 26.12 -3.66 -28.93
CA GLY A 251 27.53 -3.91 -28.80
C GLY A 251 27.85 -4.60 -27.50
N GLU A 252 28.89 -5.43 -27.50
CA GLU A 252 29.33 -6.12 -26.31
C GLU A 252 30.62 -5.52 -25.78
N LYS A 253 30.77 -5.51 -24.46
CA LYS A 253 32.00 -5.03 -23.84
C LYS A 253 33.04 -6.15 -23.77
N VAL A 254 34.16 -5.94 -24.47
CA VAL A 254 35.22 -6.94 -24.53
C VAL A 254 36.59 -6.31 -24.24
N PRO A 255 37.49 -7.09 -23.61
CA PRO A 255 38.82 -6.54 -23.31
C PRO A 255 39.65 -6.29 -24.56
N VAL A 256 40.41 -5.20 -24.54
CA VAL A 256 41.39 -4.93 -25.59
C VAL A 256 42.79 -5.02 -24.98
N THR A 257 43.60 -5.92 -25.54
CA THR A 257 44.89 -6.28 -24.94
C THR A 257 45.97 -5.22 -25.14
N LYS A 258 46.01 -4.64 -26.34
CA LYS A 258 46.97 -3.58 -26.63
C LYS A 258 46.22 -2.26 -26.81
N SER A 259 46.36 -1.36 -25.85
CA SER A 259 45.62 -0.10 -25.88
C SER A 259 45.97 0.72 -27.10
N ALA A 260 44.96 0.97 -27.93
CA ALA A 260 45.14 1.72 -29.17
C ALA A 260 44.32 3.00 -29.16
N GLU A 261 44.31 3.70 -30.29
CA GLU A 261 43.51 4.91 -30.42
C GLU A 261 42.04 4.56 -30.57
N ALA A 262 41.19 5.33 -29.89
CA ALA A 262 39.75 5.10 -29.89
C ALA A 262 39.16 5.18 -31.31
N GLY A 263 38.21 4.30 -31.60
CA GLY A 263 37.54 4.29 -32.88
C GLY A 263 38.15 3.30 -33.86
N THR A 264 39.29 2.73 -33.47
CA THR A 264 40.02 1.79 -34.33
C THR A 264 39.48 0.37 -34.18
N ILE A 265 39.29 -0.30 -35.31
CA ILE A 265 38.88 -1.70 -35.32
C ILE A 265 40.10 -2.57 -35.00
N VAL A 266 40.12 -3.14 -33.80
CA VAL A 266 41.30 -3.89 -33.36
C VAL A 266 41.19 -5.39 -33.62
N ALA A 267 39.97 -5.92 -33.52
CA ALA A 267 39.78 -7.36 -33.64
C ALA A 267 38.58 -7.70 -34.50
N ILE A 268 38.67 -8.83 -35.21
CA ILE A 268 37.56 -9.32 -36.01
C ILE A 268 37.20 -10.72 -35.51
N GLU A 269 35.94 -10.91 -35.13
CA GLU A 269 35.50 -12.20 -34.64
C GLU A 269 34.37 -12.73 -35.53
N GLU A 270 33.73 -13.81 -35.10
CA GLU A 270 32.70 -14.46 -35.91
C GLU A 270 31.41 -13.64 -35.98
N ASP A 271 31.04 -12.98 -34.88
CA ASP A 271 29.77 -12.27 -34.82
C ASP A 271 29.89 -10.75 -34.81
N GLY A 272 31.11 -10.25 -35.04
CA GLY A 272 31.32 -8.81 -35.10
C GLY A 272 32.77 -8.40 -34.93
N PHE A 273 33.07 -7.15 -35.28
CA PHE A 273 34.41 -6.61 -35.12
C PHE A 273 34.51 -5.74 -33.87
N VAL A 274 35.70 -5.72 -33.27
CA VAL A 274 35.92 -5.00 -32.01
C VAL A 274 36.54 -3.62 -32.26
N VAL A 275 35.99 -2.60 -31.61
CA VAL A 275 36.46 -1.24 -31.78
C VAL A 275 37.08 -0.69 -30.49
N ALA A 276 38.20 0.01 -30.63
CA ALA A 276 38.90 0.59 -29.49
C ALA A 276 38.17 1.82 -28.94
N THR A 277 38.34 2.07 -27.65
CA THR A 277 37.73 3.22 -27.01
C THR A 277 38.78 4.05 -26.27
N GLY A 278 38.33 4.83 -25.31
CA GLY A 278 39.21 5.70 -24.56
C GLY A 278 39.94 5.02 -23.41
N ASN A 279 39.50 3.81 -23.07
CA ASN A 279 40.15 3.07 -21.98
C ASN A 279 40.34 1.59 -22.29
N GLU A 280 40.47 0.80 -21.23
CA GLU A 280 40.80 -0.62 -21.34
C GLU A 280 39.64 -1.47 -21.87
N THR A 281 38.43 -0.91 -21.85
CA THR A 281 37.25 -1.65 -22.28
C THR A 281 36.91 -1.36 -23.73
N GLY A 282 37.05 -2.36 -24.59
CA GLY A 282 36.70 -2.22 -25.99
C GLY A 282 35.23 -2.48 -26.22
N VAL A 283 34.77 -2.22 -27.43
CA VAL A 283 33.37 -2.44 -27.78
C VAL A 283 33.26 -3.25 -29.07
N LYS A 284 32.67 -4.43 -28.98
CA LYS A 284 32.44 -5.25 -30.17
C LYS A 284 31.05 -5.01 -30.73
N ILE A 285 30.98 -4.48 -31.94
CA ILE A 285 29.71 -4.23 -32.59
C ILE A 285 29.17 -5.51 -33.20
N THR A 286 28.08 -6.01 -32.64
CA THR A 286 27.49 -7.27 -33.06
C THR A 286 26.26 -7.06 -33.94
N GLU A 287 25.61 -5.91 -33.76
CA GLU A 287 24.37 -5.61 -34.48
C GLU A 287 24.38 -4.16 -34.95
N LEU A 288 24.10 -3.94 -36.23
CA LEU A 288 24.25 -2.63 -36.83
C LEU A 288 23.35 -2.42 -38.04
N GLN A 289 23.24 -1.17 -38.47
CA GLN A 289 22.40 -0.81 -39.61
C GLN A 289 23.03 0.32 -40.41
N PRO A 290 23.83 -0.02 -41.43
CA PRO A 290 24.46 0.98 -42.29
C PRO A 290 23.39 1.77 -43.04
N SER A 291 23.71 3.01 -43.42
CA SER A 291 22.75 3.89 -44.06
C SER A 291 22.22 3.31 -45.37
N GLY A 292 20.89 3.27 -45.48
CA GLY A 292 20.24 2.75 -46.68
C GLY A 292 20.01 1.25 -46.63
N LYS A 293 20.54 0.60 -45.61
CA LYS A 293 20.41 -0.86 -45.47
C LYS A 293 19.56 -1.21 -44.26
N LYS A 294 18.98 -2.40 -44.27
CA LYS A 294 18.18 -2.87 -43.14
C LYS A 294 19.06 -3.15 -41.95
N ARG A 295 18.46 -3.17 -40.76
CA ARG A 295 19.16 -3.57 -39.55
C ARG A 295 19.61 -5.02 -39.67
N SER A 297 22.77 -8.20 -38.21
CA SER A 297 23.84 -8.63 -37.33
C SER A 297 25.17 -8.31 -38.02
N CYS A 298 26.20 -8.04 -37.24
CA CYS A 298 27.49 -7.70 -37.79
C CYS A 298 28.07 -8.89 -38.54
N SER A 299 27.64 -10.09 -38.14
CA SER A 299 27.99 -11.32 -38.82
C SER A 299 27.69 -11.21 -40.32
N GLN A 300 26.51 -10.72 -40.67
CA GLN A 300 26.13 -10.56 -42.07
C GLN A 300 26.86 -9.39 -42.71
N PHE A 301 27.06 -8.33 -41.92
CA PHE A 301 27.79 -7.16 -42.40
C PHE A 301 29.21 -7.53 -42.79
N LEU A 302 29.88 -8.25 -41.89
CA LEU A 302 31.26 -8.66 -42.08
C LEU A 302 31.43 -9.42 -43.39
N ARG A 303 30.50 -10.33 -43.66
CA ARG A 303 30.57 -11.15 -44.87
C ARG A 303 30.56 -10.31 -46.15
N GLY A 304 29.98 -9.11 -46.07
CA GLY A 304 29.84 -8.27 -47.25
C GLY A 304 30.79 -7.10 -47.33
N THR A 305 31.36 -6.71 -46.19
CA THR A 305 32.26 -5.54 -46.15
C THR A 305 33.68 -5.90 -45.74
N LYS A 306 33.82 -6.58 -44.59
CA LYS A 306 35.13 -6.91 -44.03
C LYS A 306 36.02 -5.69 -43.81
N PRO A 307 35.64 -4.82 -42.86
CA PRO A 307 36.53 -3.69 -42.58
C PRO A 307 37.80 -4.15 -41.88
N GLU A 308 38.93 -3.98 -42.54
CA GLU A 308 40.19 -4.49 -41.99
C GLU A 308 40.66 -3.70 -40.76
N ILE A 309 41.40 -4.41 -39.91
CA ILE A 309 41.92 -3.87 -38.67
C ILE A 309 42.81 -2.65 -38.91
N GLY A 310 42.70 -1.65 -38.04
CA GLY A 310 43.46 -0.42 -38.18
C GLY A 310 42.59 0.75 -38.63
N THR A 311 41.50 0.42 -39.32
CA THR A 311 40.55 1.42 -39.79
C THR A 311 39.84 2.08 -38.60
N LYS A 312 39.67 3.40 -38.67
CA LYS A 312 38.98 4.11 -37.61
C LYS A 312 37.52 4.41 -37.96
N LEU A 313 36.68 4.49 -36.94
CA LEU A 313 35.28 4.86 -37.11
C LEU A 313 35.05 6.29 -36.66
N GLY A 314 34.13 6.98 -37.31
CA GLY A 314 33.81 8.36 -36.97
C GLY A 314 34.50 9.37 -37.87
N ASN B 2 8.29 0.20 6.47
CA ASN B 2 7.70 1.52 6.53
C ASN B 2 6.82 1.70 7.76
N ALA B 3 6.72 2.94 8.25
CA ALA B 3 5.86 3.27 9.37
C ALA B 3 4.39 3.31 8.92
N ILE B 5 2.84 0.68 7.95
CA ILE B 5 2.23 -0.56 8.42
C ILE B 5 2.05 -0.61 9.93
N LYS B 6 0.79 -0.71 10.36
CA LYS B 6 0.47 -0.84 11.78
C LYS B 6 0.51 -2.30 12.20
N VAL B 7 1.31 -2.60 13.22
CA VAL B 7 1.50 -3.98 13.65
C VAL B 7 1.28 -4.17 15.15
N VAL B 8 0.61 -5.25 15.53
CA VAL B 8 0.55 -5.65 16.93
C VAL B 8 1.37 -6.93 17.13
N PHE B 9 2.33 -6.87 18.05
CA PHE B 9 3.18 -8.02 18.34
C PHE B 9 2.74 -8.73 19.60
N GLY B 11 3.97 -11.78 22.26
CA GLY B 11 5.00 -12.70 22.71
C GLY B 11 5.31 -12.48 24.18
N THR B 12 6.09 -13.38 24.76
CA THR B 12 6.36 -13.30 26.20
C THR B 12 7.85 -13.34 26.63
N PRO B 13 8.59 -14.42 26.29
CA PRO B 13 9.93 -14.50 26.87
C PRO B 13 11.00 -13.87 25.98
N ASP B 14 12.27 -14.08 26.35
CA ASP B 14 13.40 -13.47 25.65
C ASP B 14 13.54 -13.91 24.20
N PHE B 15 12.93 -15.05 23.85
CA PHE B 15 12.95 -15.53 22.48
C PHE B 15 12.29 -14.49 21.58
N SER B 16 11.20 -13.92 22.06
CA SER B 16 10.39 -13.00 21.27
C SER B 16 11.07 -11.66 21.08
N VAL B 17 11.85 -11.23 22.07
CA VAL B 17 12.42 -9.88 22.09
C VAL B 17 13.22 -9.45 20.85
N PRO B 18 14.14 -10.30 20.34
CA PRO B 18 14.84 -9.89 19.11
C PRO B 18 13.88 -9.71 17.93
N VAL B 19 12.81 -10.48 17.91
CA VAL B 19 11.82 -10.39 16.86
C VAL B 19 11.08 -9.06 16.94
N LEU B 20 10.62 -8.73 18.14
CA LEU B 20 9.93 -7.46 18.39
C LEU B 20 10.83 -6.27 18.08
N ARG B 21 12.07 -6.34 18.56
CA ARG B 21 13.04 -5.27 18.35
C ARG B 21 13.35 -5.07 16.86
N ARG B 22 13.42 -6.18 16.13
CA ARG B 22 13.72 -6.12 14.70
C ARG B 22 12.60 -5.44 13.92
N LEU B 23 11.36 -5.74 14.31
CA LEU B 23 10.19 -5.10 13.72
C LEU B 23 10.24 -3.59 13.91
N ILE B 24 10.78 -3.18 15.06
CA ILE B 24 10.89 -1.76 15.38
C ILE B 24 12.01 -1.10 14.60
N GLU B 25 13.18 -1.75 14.59
CA GLU B 25 14.34 -1.25 13.86
C GLU B 25 14.05 -1.18 12.36
N ASP B 26 13.09 -1.97 11.92
CA ASP B 26 12.69 -2.00 10.51
C ASP B 26 11.80 -0.82 10.13
N GLY B 27 11.24 -0.17 11.14
CA GLY B 27 10.46 1.04 10.91
C GLY B 27 8.95 0.86 10.96
N TYR B 28 8.48 -0.38 11.01
CA TYR B 28 7.04 -0.66 11.05
C TYR B 28 6.38 0.02 12.26
N ASP B 29 5.11 0.38 12.11
CA ASP B 29 4.39 1.08 13.16
C ASP B 29 3.81 0.10 14.17
N VAL B 30 4.60 -0.24 15.19
CA VAL B 30 4.15 -1.16 16.22
C VAL B 30 3.26 -0.42 17.19
N ILE B 31 1.95 -0.61 17.03
CA ILE B 31 0.95 0.18 17.75
C ILE B 31 0.54 -0.44 19.08
N GLY B 32 1.02 -1.65 19.34
CA GLY B 32 0.67 -2.34 20.57
C GLY B 32 1.40 -3.65 20.73
N VAL B 33 1.56 -4.08 21.99
CA VAL B 33 2.22 -5.34 22.29
C VAL B 33 1.40 -6.13 23.31
N VAL B 34 1.12 -7.39 22.98
CA VAL B 34 0.38 -8.26 23.88
C VAL B 34 1.25 -9.36 24.47
N THR B 35 1.33 -9.41 25.79
CA THR B 35 2.16 -10.38 26.48
C THR B 35 1.40 -10.99 27.65
N GLN B 36 1.93 -12.06 28.22
CA GLN B 36 1.30 -12.70 29.37
C GLN B 36 1.40 -11.78 30.58
N PRO B 37 0.45 -11.90 31.52
CA PRO B 37 0.56 -11.17 32.79
C PRO B 37 1.81 -11.62 33.53
N ASP B 38 2.30 -10.79 34.43
CA ASP B 38 3.57 -11.05 35.10
C ASP B 38 3.45 -12.12 36.18
N ARG B 39 3.95 -13.32 35.88
CA ARG B 39 3.96 -14.41 36.83
C ARG B 39 5.24 -14.36 37.67
N PRO B 40 5.13 -14.70 38.96
CA PRO B 40 6.30 -14.77 39.85
C PRO B 40 7.30 -15.80 39.36
N VAL B 41 8.56 -15.40 39.21
CA VAL B 41 9.59 -16.29 38.68
C VAL B 41 10.89 -16.20 39.47
N GLY B 42 11.74 -17.21 39.30
CA GLY B 42 13.06 -17.21 39.90
C GLY B 42 13.21 -18.12 41.10
N ARG B 43 14.39 -18.06 41.72
CA ARG B 43 14.68 -18.84 42.92
C ARG B 43 13.95 -18.25 44.12
N LYS B 44 13.76 -16.93 44.10
CA LYS B 44 13.08 -16.22 45.17
C LYS B 44 11.59 -16.08 44.88
N LYS B 45 11.24 -16.17 43.59
CA LYS B 45 9.85 -16.14 43.14
C LYS B 45 9.10 -14.87 43.51
N VAL B 46 9.37 -13.79 42.78
CA VAL B 46 8.64 -12.53 42.95
C VAL B 46 8.22 -12.01 41.58
N LEU B 47 7.10 -11.29 41.52
CA LEU B 47 6.55 -10.81 40.25
C LEU B 47 7.52 -9.94 39.44
N THR B 48 7.76 -10.34 38.21
CA THR B 48 8.68 -9.63 37.32
C THR B 48 8.03 -9.47 35.95
N PRO B 49 8.23 -8.31 35.31
CA PRO B 49 7.67 -8.13 33.97
C PRO B 49 8.35 -9.04 32.95
N THR B 50 7.58 -9.52 31.97
CA THR B 50 8.13 -10.36 30.91
C THR B 50 9.17 -9.57 30.10
N PRO B 51 10.12 -10.29 29.47
CA PRO B 51 11.13 -9.61 28.64
C PRO B 51 10.50 -8.78 27.52
N VAL B 52 9.34 -9.22 27.05
CA VAL B 52 8.64 -8.51 25.99
C VAL B 52 8.00 -7.23 26.51
N LYS B 53 7.44 -7.31 27.72
CA LYS B 53 6.90 -6.12 28.37
C LYS B 53 7.99 -5.10 28.64
N VAL B 54 9.12 -5.58 29.15
CA VAL B 54 10.28 -4.73 29.43
C VAL B 54 10.74 -3.99 28.17
N GLU B 55 10.93 -4.74 27.09
CA GLU B 55 11.37 -4.18 25.82
C GLU B 55 10.36 -3.16 25.27
N ALA B 56 9.08 -3.54 25.30
CA ALA B 56 8.02 -2.71 24.74
C ALA B 56 7.82 -1.41 25.50
N GLU B 57 8.00 -1.44 26.82
CA GLU B 57 7.81 -0.25 27.63
C GLU B 57 9.02 0.69 27.57
N LYS B 58 10.08 0.26 26.90
CA LYS B 58 11.21 1.13 26.62
C LYS B 58 10.85 2.10 25.50
N HIS B 59 10.27 1.55 24.44
CA HIS B 59 9.87 2.36 23.29
C HIS B 59 8.56 3.09 23.52
N GLY B 60 7.95 2.85 24.68
CA GLY B 60 6.69 3.51 25.02
C GLY B 60 5.54 3.00 24.18
N ILE B 61 5.51 1.70 23.93
CA ILE B 61 4.43 1.06 23.21
C ILE B 61 3.44 0.49 24.21
N PRO B 62 2.14 0.74 24.00
CA PRO B 62 1.10 0.20 24.91
C PRO B 62 1.18 -1.32 25.05
N VAL B 63 1.34 -1.77 26.28
CA VAL B 63 1.49 -3.21 26.56
C VAL B 63 0.21 -3.82 27.10
N LEU B 64 -0.32 -4.79 26.36
CA LEU B 64 -1.51 -5.51 26.80
C LEU B 64 -1.13 -6.81 27.49
N GLN B 65 -1.74 -7.06 28.64
CA GLN B 65 -1.46 -8.28 29.39
C GLN B 65 -2.73 -9.03 29.79
N PRO B 66 -3.47 -9.55 28.78
CA PRO B 66 -4.71 -10.27 29.08
C PRO B 66 -4.42 -11.65 29.64
N LEU B 67 -5.22 -12.09 30.61
CA LEU B 67 -5.06 -13.43 31.15
C LEU B 67 -5.37 -14.44 30.07
N ARG B 68 -6.43 -14.18 29.31
CA ARG B 68 -6.82 -15.01 28.18
C ARG B 68 -7.28 -14.14 27.02
N ILE B 69 -6.52 -14.14 25.94
CA ILE B 69 -6.81 -13.30 24.78
C ILE B 69 -7.97 -13.84 23.95
N ARG B 70 -8.43 -15.04 24.29
CA ARG B 70 -9.53 -15.67 23.54
C ARG B 70 -10.91 -15.21 24.03
N GLU B 71 -10.93 -14.29 24.98
CA GLU B 71 -12.19 -13.76 25.51
C GLU B 71 -12.48 -12.36 24.94
N LYS B 72 -13.76 -12.07 24.73
CA LYS B 72 -14.16 -10.91 23.93
C LYS B 72 -13.74 -9.55 24.49
N ASP B 73 -13.93 -9.36 25.79
CA ASP B 73 -13.50 -8.11 26.43
C ASP B 73 -12.00 -7.88 26.24
N GLU B 74 -11.26 -8.97 26.16
CA GLU B 74 -9.81 -8.90 25.99
C GLU B 74 -9.38 -8.76 24.53
N TYR B 75 -10.00 -9.52 23.63
CA TYR B 75 -9.56 -9.48 22.23
C TYR B 75 -10.08 -8.29 21.44
N GLU B 76 -11.18 -7.70 21.91
CA GLU B 76 -11.73 -6.52 21.25
C GLU B 76 -10.78 -5.33 21.39
N LYS B 77 -9.92 -5.38 22.40
CA LYS B 77 -8.90 -4.37 22.60
C LYS B 77 -7.92 -4.39 21.43
N VAL B 78 -7.50 -5.59 21.04
CA VAL B 78 -6.59 -5.77 19.91
C VAL B 78 -7.25 -5.29 18.64
N LEU B 79 -8.55 -5.56 18.52
CA LEU B 79 -9.33 -5.16 17.36
C LEU B 79 -9.45 -3.65 17.27
N ALA B 80 -9.41 -2.99 18.43
CA ALA B 80 -9.56 -1.54 18.49
C ALA B 80 -8.40 -0.80 17.84
N LEU B 81 -7.22 -1.41 17.92
CA LEU B 81 -6.01 -0.78 17.38
C LEU B 81 -5.97 -0.87 15.86
N GLU B 82 -6.84 -1.71 15.30
CA GLU B 82 -6.94 -1.93 13.86
C GLU B 82 -5.60 -2.16 13.17
N PRO B 83 -4.87 -3.20 13.58
CA PRO B 83 -3.56 -3.44 12.96
C PRO B 83 -3.71 -4.09 11.59
N ASP B 84 -2.79 -3.78 10.68
CA ASP B 84 -2.82 -4.34 9.35
C ASP B 84 -2.07 -5.66 9.31
N LEU B 85 -1.32 -5.93 10.37
CA LEU B 85 -0.55 -7.15 10.48
C LEU B 85 -0.35 -7.52 11.96
N ILE B 86 -0.42 -8.81 12.25
CA ILE B 86 -0.12 -9.30 13.59
C ILE B 86 0.96 -10.35 13.54
N VAL B 87 2.02 -10.14 14.33
CA VAL B 87 3.11 -11.08 14.41
C VAL B 87 3.21 -11.62 15.83
N THR B 88 3.35 -12.93 15.95
CA THR B 88 3.56 -13.53 17.26
C THR B 88 4.82 -14.37 17.29
N ALA B 89 5.41 -14.46 18.48
CA ALA B 89 6.59 -15.28 18.71
C ALA B 89 6.60 -15.69 20.17
N ALA B 90 6.45 -16.99 20.42
CA ALA B 90 6.43 -17.53 21.78
C ALA B 90 5.42 -16.79 22.66
N PHE B 91 4.18 -16.72 22.21
CA PHE B 91 3.15 -16.01 22.94
C PHE B 91 2.62 -16.84 24.12
N GLY B 92 2.04 -17.99 23.83
CA GLY B 92 1.62 -18.90 24.88
C GLY B 92 0.15 -18.85 25.24
N GLN B 93 -0.65 -18.19 24.40
CA GLN B 93 -2.09 -18.20 24.55
C GLN B 93 -2.76 -18.48 23.22
N ILE B 94 -3.97 -19.03 23.27
CA ILE B 94 -4.74 -19.29 22.06
C ILE B 94 -5.34 -18.00 21.52
N VAL B 95 -4.91 -17.62 20.33
CA VAL B 95 -5.42 -16.43 19.67
C VAL B 95 -6.73 -16.79 18.98
N PRO B 96 -7.82 -16.12 19.37
CA PRO B 96 -9.17 -16.45 18.90
C PRO B 96 -9.31 -16.21 17.40
N ASN B 97 -10.27 -16.90 16.78
CA ASN B 97 -10.48 -16.77 15.35
C ASN B 97 -10.86 -15.35 14.96
N GLU B 98 -11.47 -14.64 15.89
CA GLU B 98 -11.87 -13.25 15.67
C GLU B 98 -10.66 -12.36 15.39
N ILE B 99 -9.63 -12.47 16.24
CA ILE B 99 -8.38 -11.76 16.02
C ILE B 99 -7.72 -12.27 14.74
N LEU B 100 -7.69 -13.59 14.59
CA LEU B 100 -7.03 -14.24 13.46
C LEU B 100 -7.50 -13.74 12.10
N GLU B 101 -8.80 -13.47 11.98
CA GLU B 101 -9.37 -13.07 10.70
C GLU B 101 -9.38 -11.55 10.52
N ALA B 102 -8.88 -10.84 11.52
CA ALA B 102 -8.97 -9.38 11.52
C ALA B 102 -7.96 -8.62 10.64
N PRO B 103 -6.65 -8.83 10.82
CA PRO B 103 -5.68 -7.98 10.11
C PRO B 103 -5.73 -8.13 8.60
N LYS B 104 -5.33 -7.06 7.90
CA LYS B 104 -5.36 -7.01 6.46
C LYS B 104 -4.39 -8.02 5.82
N TYR B 105 -3.19 -8.11 6.38
CA TYR B 105 -2.16 -8.97 5.82
C TYR B 105 -1.99 -10.27 6.59
N GLY B 106 -2.88 -10.51 7.56
CA GLY B 106 -2.93 -11.78 8.26
C GLY B 106 -2.15 -11.83 9.56
N CYS B 107 -2.35 -12.92 10.30
CA CYS B 107 -1.62 -13.16 11.53
C CYS B 107 -0.56 -14.21 11.30
N ILE B 108 0.71 -13.83 11.44
CA ILE B 108 1.80 -14.75 11.18
C ILE B 108 2.61 -15.04 12.45
N ASN B 109 3.07 -16.27 12.57
CA ASN B 109 3.80 -16.69 13.76
C ASN B 109 5.24 -17.08 13.42
N VAL B 110 6.12 -16.97 14.41
CA VAL B 110 7.50 -17.40 14.26
C VAL B 110 7.74 -18.65 15.10
N HIS B 111 7.76 -19.81 14.44
CA HIS B 111 7.93 -21.09 15.12
C HIS B 111 9.31 -21.66 14.84
N ALA B 112 9.99 -22.09 15.89
CA ALA B 112 11.38 -22.55 15.79
C ALA B 112 11.53 -24.04 15.54
N SER B 113 11.18 -24.44 14.33
CA SER B 113 11.41 -25.79 13.85
C SER B 113 11.20 -25.80 12.34
N LEU B 114 11.54 -26.90 11.69
CA LEU B 114 11.31 -27.00 10.26
C LEU B 114 9.99 -27.71 9.99
N LEU B 115 8.90 -26.95 10.13
CA LEU B 115 7.54 -27.46 9.97
C LEU B 115 7.35 -28.20 8.65
N PRO B 116 6.55 -29.27 8.65
CA PRO B 116 5.70 -29.78 9.74
C PRO B 116 6.41 -30.48 10.90
N GLU B 117 7.73 -30.55 10.87
CA GLU B 117 8.47 -31.17 11.98
C GLU B 117 8.40 -30.32 13.25
N LEU B 118 8.20 -30.99 14.37
CA LEU B 118 8.23 -30.36 15.70
C LEU B 118 7.28 -29.18 15.87
N ARG B 119 5.99 -29.42 15.66
CA ARG B 119 4.97 -28.47 16.08
C ARG B 119 4.90 -28.51 17.60
N GLY B 120 4.52 -27.41 18.22
CA GLY B 120 4.29 -27.41 19.65
C GLY B 120 5.26 -26.62 20.50
N GLY B 121 5.24 -26.90 21.80
CA GLY B 121 5.93 -26.09 22.79
C GLY B 121 7.44 -26.22 22.83
N ALA B 122 7.96 -27.42 22.59
CA ALA B 122 9.40 -27.63 22.71
C ALA B 122 10.07 -28.16 21.44
N PRO B 123 10.09 -27.34 20.37
CA PRO B 123 10.74 -27.82 19.15
C PRO B 123 12.26 -27.68 19.23
N ILE B 124 12.75 -26.70 19.97
CA ILE B 124 14.18 -26.52 20.14
C ILE B 124 14.77 -27.66 20.98
N HIS B 125 14.12 -27.96 22.10
CA HIS B 125 14.52 -29.08 22.95
C HIS B 125 14.53 -30.39 22.16
N TYR B 126 13.42 -30.68 21.49
CA TYR B 126 13.26 -31.92 20.73
C TYR B 126 14.34 -32.11 19.66
N ALA B 127 14.58 -31.06 18.87
CA ALA B 127 15.53 -31.11 17.78
C ALA B 127 16.91 -31.55 18.25
N ILE B 128 17.31 -31.09 19.43
CA ILE B 128 18.60 -31.46 19.99
C ILE B 128 18.55 -32.87 20.58
N GLU B 130 16.60 -35.26 19.85
CA GLU B 130 16.46 -36.24 18.78
C GLU B 130 17.75 -36.31 17.96
N GLY B 131 18.73 -35.50 18.36
CA GLY B 131 20.02 -35.47 17.70
C GLY B 131 19.92 -35.11 16.22
N LYS B 132 19.07 -34.13 15.91
CA LYS B 132 18.87 -33.73 14.53
C LYS B 132 20.13 -33.10 13.95
N GLU B 133 20.23 -33.15 12.63
CA GLU B 133 21.38 -32.57 11.93
C GLU B 133 21.26 -31.04 11.98
N LYS B 134 20.08 -30.55 11.60
CA LYS B 134 19.83 -29.12 11.61
C LYS B 134 18.36 -28.82 11.88
N THR B 135 18.08 -27.60 12.33
CA THR B 135 16.72 -27.13 12.54
C THR B 135 16.60 -25.71 12.01
N GLY B 136 15.61 -24.96 12.47
CA GLY B 136 15.47 -23.58 12.05
C GLY B 136 14.13 -22.94 12.36
N ILE B 137 13.83 -21.87 11.64
CA ILE B 137 12.61 -21.10 11.86
C ILE B 137 11.62 -21.26 10.72
N THR B 138 10.36 -21.50 11.06
CA THR B 138 9.29 -21.49 10.09
C THR B 138 8.35 -20.34 10.42
N ILE B 139 8.05 -19.52 9.43
CA ILE B 139 7.07 -18.46 9.60
C ILE B 139 5.81 -18.76 8.80
N TYR B 141 1.17 -18.86 8.71
CA TYR B 141 -0.07 -18.23 9.15
C TYR B 141 -0.54 -18.88 10.44
N VAL B 143 -3.57 -20.37 12.35
CA VAL B 143 -4.92 -20.87 12.29
C VAL B 143 -5.32 -21.43 13.64
N GLU B 144 -6.54 -21.94 13.74
CA GLU B 144 -7.05 -22.46 15.00
C GLU B 144 -6.21 -23.62 15.53
N LYS B 145 -5.94 -24.59 14.68
CA LYS B 145 -5.12 -25.74 15.06
C LYS B 145 -3.69 -25.30 15.31
N LEU B 146 -3.13 -25.71 16.45
CA LEU B 146 -1.82 -25.26 16.89
C LEU B 146 -0.70 -25.55 15.88
N ASP B 147 -0.02 -24.48 15.47
CA ASP B 147 1.15 -24.57 14.57
C ASP B 147 0.86 -25.27 13.25
N ALA B 148 -0.35 -25.10 12.72
CA ALA B 148 -0.78 -25.85 11.56
C ALA B 148 -0.94 -25.00 10.30
N GLY B 149 -0.74 -23.69 10.43
CA GLY B 149 -0.97 -22.78 9.33
C GLY B 149 -0.07 -22.97 8.13
N ASP B 150 -0.51 -22.45 6.99
CA ASP B 150 0.26 -22.52 5.75
C ASP B 150 1.59 -21.79 5.89
N ILE B 151 2.66 -22.42 5.42
CA ILE B 151 4.00 -21.91 5.59
C ILE B 151 4.34 -20.79 4.60
N LEU B 152 4.79 -19.66 5.14
CA LEU B 152 5.20 -18.52 4.31
C LEU B 152 6.69 -18.56 4.00
N THR B 153 7.51 -18.56 5.05
CA THR B 153 8.95 -18.64 4.90
C THR B 153 9.56 -19.66 5.85
N GLN B 154 10.83 -19.97 5.63
CA GLN B 154 11.53 -20.95 6.44
C GLN B 154 13.03 -20.70 6.32
N VAL B 155 13.77 -21.05 7.37
CA VAL B 155 15.22 -20.87 7.35
C VAL B 155 15.92 -22.00 8.11
N GLU B 156 17.16 -22.29 7.72
CA GLU B 156 17.91 -23.38 8.31
C GLU B 156 18.98 -22.86 9.28
N VAL B 157 19.07 -23.50 10.44
CA VAL B 157 20.12 -23.20 11.40
C VAL B 157 20.67 -24.51 11.95
N GLU B 158 21.97 -24.71 11.80
CA GLU B 158 22.59 -25.98 12.17
C GLU B 158 22.80 -26.14 13.67
N ILE B 159 22.81 -27.38 14.13
CA ILE B 159 23.01 -27.69 15.54
C ILE B 159 24.44 -28.16 15.79
N GLU B 160 25.26 -27.28 16.34
CA GLU B 160 26.66 -27.59 16.66
C GLU B 160 26.78 -28.78 17.61
N GLU B 161 27.96 -29.38 17.62
CA GLU B 161 28.23 -30.56 18.45
C GLU B 161 28.16 -30.23 19.94
N ARG B 162 28.49 -29.00 20.29
CA ARG B 162 28.46 -28.58 21.69
C ARG B 162 27.28 -27.65 21.98
N GLU B 163 26.24 -27.76 21.16
CA GLU B 163 25.04 -26.95 21.35
C GLU B 163 24.30 -27.37 22.60
N THR B 164 23.85 -26.36 23.35
CA THR B 164 22.87 -26.57 24.41
C THR B 164 21.56 -26.02 23.90
N THR B 165 20.45 -26.38 24.54
CA THR B 165 19.15 -25.86 24.15
C THR B 165 19.13 -24.34 24.29
N GLY B 166 19.73 -23.85 25.37
CA GLY B 166 19.80 -22.42 25.62
C GLY B 166 20.63 -21.68 24.58
N SER B 167 21.62 -22.36 24.01
CA SER B 167 22.46 -21.75 22.99
C SER B 167 21.76 -21.73 21.63
N LEU B 168 20.94 -22.74 21.38
CA LEU B 168 20.17 -22.80 20.15
C LEU B 168 18.98 -21.84 20.23
N PHE B 169 18.54 -21.59 21.46
CA PHE B 169 17.49 -20.61 21.71
C PHE B 169 17.91 -19.25 21.20
N ASP B 170 19.11 -18.83 21.57
CA ASP B 170 19.66 -17.57 21.11
C ASP B 170 19.81 -17.59 19.60
N LYS B 171 20.39 -18.66 19.07
CA LYS B 171 20.59 -18.81 17.64
C LYS B 171 19.28 -18.68 16.85
N LEU B 172 18.29 -19.49 17.21
CA LEU B 172 17.03 -19.51 16.50
C LEU B 172 16.26 -18.20 16.65
N SER B 173 16.32 -17.60 17.84
CA SER B 173 15.65 -16.33 18.08
C SER B 173 16.22 -15.22 17.19
N GLU B 174 17.53 -15.21 17.04
CA GLU B 174 18.20 -14.24 16.16
C GLU B 174 17.89 -14.54 14.70
N ALA B 175 17.76 -15.83 14.38
CA ALA B 175 17.45 -16.25 13.02
C ALA B 175 16.02 -15.88 12.67
N GLY B 176 15.12 -16.02 13.64
CA GLY B 176 13.71 -15.72 13.43
C GLY B 176 13.45 -14.25 13.17
N ALA B 177 14.10 -13.40 13.98
CA ALA B 177 13.97 -11.96 13.84
C ALA B 177 14.42 -11.51 12.45
N HIS B 178 15.51 -12.10 11.98
CA HIS B 178 16.04 -11.77 10.66
C HIS B 178 15.12 -12.30 9.55
N LEU B 179 14.63 -13.52 9.72
CA LEU B 179 13.77 -14.14 8.72
C LEU B 179 12.48 -13.35 8.56
N LEU B 180 11.93 -12.87 9.67
CA LEU B 180 10.73 -12.07 9.64
C LEU B 180 10.96 -10.77 8.89
N SER B 181 12.11 -10.16 9.13
CA SER B 181 12.48 -8.90 8.48
C SER B 181 12.52 -9.06 6.97
N LYS B 182 13.01 -10.21 6.51
CA LYS B 182 13.04 -10.51 5.08
C LYS B 182 11.64 -10.85 4.58
N THR B 183 10.82 -11.37 5.49
CA THR B 183 9.51 -11.91 5.16
C THR B 183 8.44 -10.84 4.97
N VAL B 184 8.34 -9.91 5.91
CA VAL B 184 7.29 -8.90 5.91
C VAL B 184 7.12 -8.10 4.60
N PRO B 185 8.22 -7.58 4.04
CA PRO B 185 8.04 -6.87 2.76
C PRO B 185 7.54 -7.78 1.64
N LEU B 186 8.02 -9.02 1.63
CA LEU B 186 7.60 -9.98 0.60
C LEU B 186 6.14 -10.35 0.77
N LEU B 187 5.71 -10.43 2.02
CA LEU B 187 4.32 -10.78 2.34
C LEU B 187 3.36 -9.70 1.85
N ILE B 188 3.66 -8.46 2.21
CA ILE B 188 2.83 -7.32 1.83
C ILE B 188 2.77 -7.15 0.32
N GLN B 189 3.88 -7.45 -0.35
CA GLN B 189 3.94 -7.34 -1.80
C GLN B 189 3.33 -8.57 -2.49
N GLY B 190 2.75 -9.46 -1.70
CA GLY B 190 2.00 -10.59 -2.21
C GLY B 190 2.80 -11.57 -3.06
N LYS B 191 4.13 -11.45 -3.01
CA LYS B 191 5.00 -12.32 -3.79
C LYS B 191 5.40 -13.55 -2.98
N LEU B 192 4.72 -13.74 -1.85
CA LEU B 192 4.91 -14.91 -1.01
C LEU B 192 3.73 -15.86 -1.14
N GLU B 193 3.97 -17.03 -1.69
CA GLU B 193 2.92 -18.04 -1.82
C GLU B 193 3.00 -19.06 -0.69
N PRO B 194 1.90 -19.23 0.05
CA PRO B 194 1.82 -20.14 1.20
C PRO B 194 1.98 -21.61 0.81
N ILE B 195 3.01 -22.26 1.35
CA ILE B 195 3.13 -23.71 1.24
C ILE B 195 2.17 -24.31 2.25
N LYS B 196 1.65 -25.49 1.94
CA LYS B 196 0.81 -26.20 2.90
C LYS B 196 1.63 -27.28 3.60
N GLN B 197 1.56 -27.30 4.92
CA GLN B 197 2.25 -28.33 5.70
C GLN B 197 1.70 -29.69 5.33
N ASN B 198 2.60 -30.63 5.02
CA ASN B 198 2.18 -31.98 4.66
C ASN B 198 1.86 -32.80 5.90
N GLU B 199 0.60 -33.20 6.04
CA GLU B 199 0.13 -33.90 7.23
C GLU B 199 0.76 -35.28 7.42
N GLU B 200 1.44 -35.77 6.39
CA GLU B 200 2.09 -37.08 6.45
C GLU B 200 3.36 -37.00 7.28
N GLU B 201 3.94 -35.80 7.36
CA GLU B 201 5.28 -35.64 7.94
C GLU B 201 5.29 -34.86 9.26
N VAL B 202 4.11 -34.61 9.81
CA VAL B 202 3.99 -33.82 11.03
C VAL B 202 4.51 -34.60 12.24
N THR B 203 5.28 -33.93 13.09
CA THR B 203 5.72 -34.49 14.36
C THR B 203 5.46 -33.48 15.48
N PHE B 204 4.81 -33.93 16.55
CA PHE B 204 4.47 -33.03 17.65
C PHE B 204 5.57 -32.99 18.72
N ALA B 205 6.22 -31.84 18.83
CA ALA B 205 7.20 -31.61 19.88
C ALA B 205 6.51 -31.18 21.17
N TYR B 206 5.86 -32.12 21.84
CA TYR B 206 5.07 -31.83 23.03
C TYR B 206 5.90 -31.33 24.21
N ASN B 207 5.25 -30.56 25.08
CA ASN B 207 5.87 -29.99 26.27
C ASN B 207 6.48 -31.06 27.17
N ILE B 208 7.73 -30.84 27.57
CA ILE B 208 8.49 -31.83 28.34
C ILE B 208 7.89 -32.14 29.71
N LYS B 209 7.47 -33.38 29.90
CA LYS B 209 6.94 -33.83 31.19
C LYS B 209 8.08 -34.00 32.19
N ARG B 210 7.75 -33.94 33.48
CA ARG B 210 8.76 -33.98 34.54
C ARG B 210 9.53 -35.29 34.55
N GLU B 211 8.83 -36.41 34.37
CA GLU B 211 9.47 -37.72 34.37
C GLU B 211 10.40 -37.91 33.18
N GLN B 212 10.28 -37.03 32.19
CA GLN B 212 11.05 -37.16 30.96
C GLN B 212 12.39 -36.44 31.01
N GLU B 213 12.73 -35.89 32.18
CA GLU B 213 14.05 -35.31 32.40
C GLU B 213 15.02 -36.40 32.84
N LYS B 214 14.46 -37.53 33.26
CA LYS B 214 15.25 -38.64 33.78
C LYS B 214 16.11 -39.26 32.70
N ILE B 215 17.40 -39.40 32.99
CA ILE B 215 18.35 -40.00 32.05
C ILE B 215 18.12 -41.50 31.91
N ASP B 216 17.82 -41.94 30.69
CA ASP B 216 17.70 -43.35 30.40
C ASP B 216 19.07 -43.89 30.00
N TRP B 217 19.73 -44.56 30.94
CA TRP B 217 21.09 -45.03 30.73
C TRP B 217 21.18 -46.18 29.71
N THR B 218 20.04 -46.80 29.43
CA THR B 218 20.01 -47.90 28.47
C THR B 218 20.09 -47.43 27.01
N LYS B 219 20.03 -46.11 26.82
CA LYS B 219 20.19 -45.55 25.49
C LYS B 219 21.65 -45.58 25.09
N THR B 220 21.92 -45.36 23.80
CA THR B 220 23.30 -45.20 23.36
C THR B 220 23.88 -43.95 24.01
N GLY B 221 25.19 -43.96 24.24
CA GLY B 221 25.85 -42.83 24.86
C GLY B 221 25.76 -41.57 24.02
N GLU B 222 25.51 -41.76 22.72
CA GLU B 222 25.27 -40.63 21.83
C GLU B 222 23.93 -39.98 22.11
N GLU B 223 22.95 -40.79 22.50
CA GLU B 223 21.61 -40.29 22.80
C GLU B 223 21.58 -39.54 24.14
N VAL B 224 22.19 -40.14 25.15
CA VAL B 224 22.24 -39.55 26.49
C VAL B 224 22.95 -38.19 26.47
N TYR B 225 23.95 -38.06 25.60
CA TYR B 225 24.68 -36.81 25.44
C TYR B 225 23.79 -35.70 24.89
N ASN B 226 23.12 -35.97 23.78
CA ASN B 226 22.18 -35.02 23.20
C ASN B 226 20.97 -34.80 24.12
N HIS B 227 20.73 -35.78 24.99
CA HIS B 227 19.69 -35.67 26.01
C HIS B 227 20.11 -34.70 27.09
N ILE B 228 21.38 -34.77 27.48
CA ILE B 228 21.91 -33.88 28.51
C ILE B 228 22.01 -32.44 28.02
N ARG B 229 22.59 -32.25 26.84
CA ARG B 229 22.72 -30.91 26.30
C ARG B 229 21.38 -30.39 25.78
N GLY B 230 20.43 -31.30 25.57
CA GLY B 230 19.11 -30.93 25.10
C GLY B 230 18.25 -30.32 26.17
N LEU B 231 18.58 -30.57 27.42
CA LEU B 231 17.80 -30.07 28.54
C LEU B 231 18.55 -28.98 29.31
N ASN B 232 19.66 -28.53 28.73
CA ASN B 232 20.49 -27.48 29.33
C ASN B 232 20.20 -26.14 28.66
N PRO B 233 19.96 -25.09 29.45
CA PRO B 233 19.98 -24.95 30.92
C PRO B 233 18.64 -25.13 31.63
N TRP B 234 17.58 -25.40 30.88
N TRP B 234 17.58 -25.44 30.88
CA TRP B 234 16.29 -25.77 31.46
CA TRP B 234 16.30 -25.78 31.48
C TRP B 234 15.61 -26.80 30.56
C TRP B 234 15.60 -26.78 30.57
N PRO B 235 14.96 -27.80 31.16
CA PRO B 235 14.78 -28.03 32.60
C PRO B 235 15.90 -28.81 33.29
N VAL B 236 16.98 -29.13 32.58
CA VAL B 236 18.10 -29.90 33.14
C VAL B 236 17.79 -31.37 33.45
N ALA B 237 18.48 -32.26 32.76
CA ALA B 237 18.32 -33.69 32.97
C ALA B 237 18.87 -34.10 34.32
N TYR B 238 18.35 -35.20 34.86
CA TYR B 238 18.80 -35.67 36.16
C TYR B 238 18.98 -37.19 36.20
N THR B 239 19.56 -37.67 37.29
CA THR B 239 19.70 -39.10 37.53
C THR B 239 19.78 -39.35 39.03
N THR B 240 20.11 -40.58 39.41
CA THR B 240 20.18 -40.94 40.82
C THR B 240 21.60 -41.30 41.23
N LEU B 241 22.11 -40.62 42.26
CA LEU B 241 23.41 -40.94 42.84
C LEU B 241 23.28 -41.25 44.32
N ALA B 242 23.63 -42.48 44.71
CA ALA B 242 23.50 -42.95 46.08
C ALA B 242 22.08 -42.77 46.61
N GLY B 243 21.09 -42.93 45.73
CA GLY B 243 19.71 -42.78 46.11
C GLY B 243 19.26 -41.32 46.11
N GLN B 244 20.09 -40.45 45.53
CA GLN B 244 19.81 -39.03 45.51
C GLN B 244 19.64 -38.50 44.08
N VAL B 245 18.56 -37.74 43.87
CA VAL B 245 18.33 -37.10 42.58
C VAL B 245 19.45 -36.10 42.29
N VAL B 246 20.16 -36.31 41.20
CA VAL B 246 21.23 -35.41 40.80
C VAL B 246 21.02 -34.90 39.39
N LYS B 247 20.73 -33.61 39.27
CA LYS B 247 20.53 -32.99 37.97
C LYS B 247 21.85 -32.81 37.22
N VAL B 248 22.04 -33.61 36.18
CA VAL B 248 23.26 -33.58 35.40
C VAL B 248 23.18 -32.46 34.36
N TRP B 249 24.04 -31.47 34.51
CA TRP B 249 24.05 -30.32 33.60
C TRP B 249 24.92 -30.55 32.38
N TRP B 250 25.98 -31.35 32.53
CA TRP B 250 26.85 -31.65 31.41
C TRP B 250 27.53 -33.01 31.50
N GLY B 251 27.78 -33.60 30.34
CA GLY B 251 28.48 -34.87 30.25
C GLY B 251 29.27 -34.96 28.96
N GLU B 252 30.36 -35.71 28.98
CA GLU B 252 31.23 -35.86 27.81
C GLU B 252 31.18 -37.28 27.26
N LYS B 253 31.16 -37.40 25.94
CA LYS B 253 31.22 -38.70 25.28
C LYS B 253 32.64 -39.25 25.28
N VAL B 254 32.82 -40.41 25.91
CA VAL B 254 34.14 -41.03 26.04
C VAL B 254 34.08 -42.51 25.66
N PRO B 255 35.23 -43.08 25.26
CA PRO B 255 35.27 -44.52 25.00
C PRO B 255 35.31 -45.33 26.30
N VAL B 256 34.66 -46.48 26.30
CA VAL B 256 34.69 -47.37 27.46
C VAL B 256 35.57 -48.57 27.18
N THR B 257 36.63 -48.72 27.98
CA THR B 257 37.65 -49.74 27.77
C THR B 257 37.10 -51.15 27.72
N LYS B 258 36.41 -51.55 28.78
CA LYS B 258 35.85 -52.90 28.86
C LYS B 258 34.37 -52.84 29.20
N SER B 259 33.55 -53.50 28.38
CA SER B 259 32.11 -53.37 28.45
C SER B 259 31.52 -53.77 29.79
N ALA B 260 30.62 -52.94 30.31
CA ALA B 260 29.93 -53.19 31.55
C ALA B 260 28.45 -52.92 31.36
N GLU B 261 27.70 -52.91 32.46
CA GLU B 261 26.27 -52.66 32.38
C GLU B 261 25.93 -51.19 32.56
N ALA B 262 24.89 -50.74 31.85
CA ALA B 262 24.51 -49.34 31.82
C ALA B 262 24.18 -48.78 33.21
N GLY B 263 24.52 -47.51 33.43
CA GLY B 263 24.18 -46.81 34.65
C GLY B 263 25.23 -46.91 35.74
N THR B 264 26.24 -47.73 35.52
CA THR B 264 27.27 -47.97 36.52
C THR B 264 28.53 -47.17 36.24
N ILE B 265 29.14 -46.62 37.29
CA ILE B 265 30.39 -45.89 37.17
C ILE B 265 31.53 -46.83 36.77
N VAL B 266 32.30 -46.45 35.76
CA VAL B 266 33.36 -47.30 35.22
C VAL B 266 34.73 -46.68 35.38
N ALA B 267 34.85 -45.41 35.02
CA ALA B 267 36.12 -44.70 35.09
C ALA B 267 35.99 -43.39 35.84
N ILE B 268 36.92 -43.13 36.75
CA ILE B 268 36.98 -41.86 37.45
C ILE B 268 38.16 -41.07 36.92
N GLU B 269 37.91 -39.83 36.49
CA GLU B 269 38.98 -39.02 35.91
C GLU B 269 39.15 -37.70 36.67
N GLU B 270 39.92 -36.79 36.08
CA GLU B 270 40.31 -35.56 36.78
C GLU B 270 39.15 -34.59 36.97
N ASP B 271 38.37 -34.37 35.92
CA ASP B 271 37.30 -33.37 35.96
C ASP B 271 35.90 -33.97 35.96
N GLY B 272 35.81 -35.28 36.18
CA GLY B 272 34.52 -35.95 36.22
C GLY B 272 34.61 -37.45 36.37
N PHE B 273 33.47 -38.12 36.33
CA PHE B 273 33.43 -39.59 36.39
C PHE B 273 32.58 -40.18 35.27
N VAL B 274 32.96 -41.36 34.80
CA VAL B 274 32.34 -41.97 33.63
C VAL B 274 31.26 -42.99 34.00
N VAL B 275 30.10 -42.86 33.36
CA VAL B 275 28.99 -43.79 33.59
C VAL B 275 28.70 -44.58 32.32
N ALA B 276 28.61 -45.90 32.45
CA ALA B 276 28.36 -46.78 31.31
C ALA B 276 26.95 -46.61 30.76
N THR B 277 26.79 -46.90 29.48
CA THR B 277 25.49 -46.74 28.82
C THR B 277 25.06 -48.00 28.08
N GLY B 278 24.21 -47.82 27.07
CA GLY B 278 23.68 -48.94 26.31
C GLY B 278 24.54 -49.34 25.13
N ASN B 279 25.63 -48.62 24.91
CA ASN B 279 26.54 -48.96 23.81
C ASN B 279 28.00 -48.67 24.14
N GLU B 280 28.83 -48.59 23.11
CA GLU B 280 30.27 -48.43 23.28
C GLU B 280 30.68 -47.04 23.77
N THR B 281 29.74 -46.10 23.73
CA THR B 281 30.03 -44.72 24.13
C THR B 281 29.54 -44.45 25.55
N GLY B 282 30.48 -44.20 26.46
CA GLY B 282 30.14 -43.86 27.82
C GLY B 282 29.93 -42.37 27.98
N VAL B 283 29.48 -41.96 29.16
CA VAL B 283 29.26 -40.54 29.42
C VAL B 283 29.95 -40.12 30.71
N LYS B 284 30.96 -39.26 30.59
CA LYS B 284 31.63 -38.71 31.76
C LYS B 284 30.93 -37.44 32.25
N ILE B 285 30.34 -37.51 33.43
CA ILE B 285 29.68 -36.35 34.01
C ILE B 285 30.71 -35.39 34.55
N THR B 286 30.79 -34.21 33.95
CA THR B 286 31.78 -33.21 34.35
C THR B 286 31.13 -32.04 35.08
N GLU B 287 29.80 -31.98 35.00
CA GLU B 287 29.05 -30.89 35.62
C GLU B 287 27.68 -31.39 36.07
N LEU B 288 27.36 -31.16 37.34
CA LEU B 288 26.17 -31.74 37.94
C LEU B 288 25.68 -30.98 39.17
N GLN B 289 24.43 -31.21 39.53
CA GLN B 289 23.83 -30.61 40.72
C GLN B 289 23.15 -31.65 41.59
N PRO B 290 23.77 -31.99 42.72
CA PRO B 290 23.08 -32.84 43.70
C PRO B 290 21.90 -32.07 44.31
N SER B 291 20.76 -32.73 44.47
CA SER B 291 19.56 -32.07 44.98
C SER B 291 19.76 -31.52 46.40
N GLY B 292 19.37 -30.27 46.60
CA GLY B 292 19.53 -29.62 47.88
C GLY B 292 20.85 -28.88 47.94
N LYS B 293 21.60 -28.95 46.85
CA LYS B 293 22.91 -28.31 46.76
C LYS B 293 23.00 -27.44 45.51
N LYS B 294 23.89 -26.44 45.54
CA LYS B 294 24.12 -25.60 44.38
C LYS B 294 24.98 -26.37 43.38
N ARG B 295 24.70 -26.21 42.09
CA ARG B 295 25.37 -26.98 41.06
C ARG B 295 26.87 -26.76 41.08
N SER B 297 31.01 -28.00 39.24
CA SER B 297 31.89 -28.76 38.37
C SER B 297 32.20 -30.05 39.11
N CYS B 298 32.42 -31.12 38.37
CA CYS B 298 32.54 -32.44 38.98
C CYS B 298 33.79 -32.57 39.84
N SER B 299 34.79 -31.73 39.57
CA SER B 299 36.01 -31.70 40.38
C SER B 299 35.68 -31.37 41.84
N GLN B 300 34.78 -30.42 42.05
CA GLN B 300 34.38 -30.03 43.40
C GLN B 300 33.47 -31.08 44.03
N PHE B 301 32.72 -31.77 43.20
CA PHE B 301 31.90 -32.87 43.66
C PHE B 301 32.79 -33.99 44.21
N LEU B 302 33.86 -34.28 43.49
CA LEU B 302 34.79 -35.33 43.88
C LEU B 302 35.72 -34.89 45.02
N ARG B 303 35.75 -33.59 45.28
CA ARG B 303 36.52 -33.05 46.40
C ARG B 303 35.92 -33.54 47.72
N GLY B 304 34.59 -33.63 47.77
CA GLY B 304 33.90 -33.94 49.00
C GLY B 304 33.14 -35.26 49.03
N THR B 305 32.57 -35.65 47.90
CA THR B 305 31.84 -36.93 47.77
C THR B 305 32.62 -38.26 47.74
N LYS B 306 33.60 -38.38 46.84
CA LYS B 306 34.32 -39.65 46.63
C LYS B 306 33.52 -40.93 46.27
N PRO B 307 32.93 -40.96 44.98
CA PRO B 307 32.14 -42.17 44.71
C PRO B 307 32.88 -43.32 44.00
N GLU B 308 32.68 -44.55 44.46
CA GLU B 308 33.37 -45.74 43.95
C GLU B 308 32.94 -46.28 42.60
N ILE B 309 33.86 -46.98 41.92
CA ILE B 309 33.53 -47.74 40.73
C ILE B 309 32.67 -48.92 41.13
N GLY B 310 31.76 -49.34 40.26
CA GLY B 310 30.83 -50.38 40.63
C GLY B 310 29.51 -49.80 41.10
N THR B 311 29.55 -48.56 41.56
CA THR B 311 28.35 -47.83 41.91
C THR B 311 27.47 -47.68 40.68
N LYS B 312 26.17 -47.75 40.88
CA LYS B 312 25.25 -47.64 39.78
C LYS B 312 24.42 -46.38 39.93
N LEU B 313 23.90 -45.90 38.82
CA LEU B 313 23.09 -44.69 38.77
C LEU B 313 21.70 -45.01 38.26
N GLY B 314 20.67 -44.49 38.91
CA GLY B 314 19.34 -44.85 38.50
C GLY B 314 18.80 -46.10 39.17
N GLU B 315 18.85 -46.11 40.49
CA GLU B 315 18.21 -47.17 41.24
C GLU B 315 18.31 -47.00 42.74
N SER C 1 -28.22 -25.92 -36.66
CA SER C 1 -27.23 -26.47 -37.57
C SER C 1 -26.37 -27.51 -36.87
N ASN C 2 -25.47 -28.13 -37.63
CA ASN C 2 -24.69 -29.28 -37.17
C ASN C 2 -24.05 -29.16 -35.78
N ALA C 3 -24.00 -30.30 -35.09
CA ALA C 3 -23.31 -30.41 -33.81
C ALA C 3 -21.81 -30.58 -34.05
N ILE C 5 -20.34 -28.20 -35.18
CA ILE C 5 -19.95 -26.81 -34.99
C ILE C 5 -19.81 -26.48 -33.51
N LYS C 6 -18.57 -26.39 -33.05
CA LYS C 6 -18.28 -26.14 -31.64
C LYS C 6 -18.42 -24.64 -31.32
N VAL C 7 -19.33 -24.33 -30.42
CA VAL C 7 -19.63 -22.93 -30.10
C VAL C 7 -19.34 -22.58 -28.64
N VAL C 8 -18.65 -21.46 -28.43
CA VAL C 8 -18.48 -20.90 -27.10
C VAL C 8 -19.32 -19.63 -27.01
N PHE C 9 -20.05 -19.47 -25.91
CA PHE C 9 -20.94 -18.32 -25.75
C PHE C 9 -20.50 -17.39 -24.61
N GLY C 11 -22.02 -13.97 -22.32
CA GLY C 11 -23.13 -13.10 -22.01
C GLY C 11 -23.41 -13.01 -20.52
N THR C 12 -24.14 -11.98 -20.11
CA THR C 12 -24.47 -11.78 -18.68
C THR C 12 -25.96 -11.62 -18.35
N PRO C 13 -26.63 -10.59 -18.91
CA PRO C 13 -27.97 -10.31 -18.39
C PRO C 13 -29.06 -11.20 -18.99
N ASP C 14 -30.32 -10.91 -18.66
CA ASP C 14 -31.46 -11.65 -19.17
C ASP C 14 -31.54 -11.61 -20.69
N PHE C 15 -31.08 -10.50 -21.27
CA PHE C 15 -31.09 -10.31 -22.71
C PHE C 15 -30.36 -11.44 -23.43
N SER C 16 -29.35 -11.99 -22.76
CA SER C 16 -28.47 -12.98 -23.36
C SER C 16 -29.01 -14.40 -23.22
N VAL C 17 -29.92 -14.62 -22.27
CA VAL C 17 -30.43 -15.97 -22.01
C VAL C 17 -31.17 -16.63 -23.18
N PRO C 18 -32.14 -15.94 -23.81
CA PRO C 18 -32.81 -16.58 -24.95
C PRO C 18 -31.88 -16.78 -26.14
N VAL C 19 -30.77 -16.04 -26.16
CA VAL C 19 -29.78 -16.19 -27.21
C VAL C 19 -29.03 -17.51 -27.03
N LEU C 20 -28.69 -17.83 -25.79
CA LEU C 20 -28.01 -19.07 -25.47
C LEU C 20 -28.91 -20.29 -25.64
N ARG C 21 -30.16 -20.16 -25.18
CA ARG C 21 -31.16 -21.21 -25.34
C ARG C 21 -31.23 -21.68 -26.78
N ARG C 22 -31.49 -20.72 -27.67
CA ARG C 22 -31.66 -20.98 -29.09
C ARG C 22 -30.46 -21.72 -29.68
N LEU C 23 -29.27 -21.33 -29.26
CA LEU C 23 -28.05 -22.01 -29.70
C LEU C 23 -28.08 -23.47 -29.29
N ILE C 24 -28.35 -23.71 -28.01
CA ILE C 24 -28.42 -25.06 -27.47
C ILE C 24 -29.55 -25.84 -28.13
N GLU C 25 -30.71 -25.19 -28.28
CA GLU C 25 -31.88 -25.85 -28.83
C GLU C 25 -31.78 -26.11 -30.33
N ASP C 26 -30.99 -25.30 -31.03
CA ASP C 26 -30.79 -25.49 -32.46
C ASP C 26 -29.84 -26.63 -32.78
N GLY C 27 -29.20 -27.17 -31.74
CA GLY C 27 -28.34 -28.32 -31.92
C GLY C 27 -26.87 -27.99 -32.04
N TYR C 28 -26.52 -26.73 -31.82
CA TYR C 28 -25.11 -26.34 -31.78
C TYR C 28 -24.45 -26.90 -30.54
N ASP C 29 -23.19 -27.30 -30.67
CA ASP C 29 -22.46 -27.85 -29.54
C ASP C 29 -21.86 -26.75 -28.68
N VAL C 30 -22.65 -26.22 -27.77
CA VAL C 30 -22.12 -25.24 -26.82
C VAL C 30 -21.18 -25.95 -25.87
N ILE C 31 -19.89 -25.94 -26.22
CA ILE C 31 -18.87 -26.61 -25.44
C ILE C 31 -18.55 -25.87 -24.15
N GLY C 32 -18.62 -24.54 -24.19
CA GLY C 32 -18.30 -23.74 -23.03
C GLY C 32 -19.02 -22.40 -23.04
N VAL C 33 -19.27 -21.87 -21.85
CA VAL C 33 -19.91 -20.57 -21.69
C VAL C 33 -19.05 -19.64 -20.86
N VAL C 34 -18.90 -18.39 -21.31
CA VAL C 34 -18.14 -17.40 -20.56
C VAL C 34 -19.08 -16.36 -19.99
N THR C 35 -18.83 -15.95 -18.76
CA THR C 35 -19.71 -15.00 -18.09
C THR C 35 -19.10 -14.38 -16.84
N GLN C 36 -19.81 -13.43 -16.25
CA GLN C 36 -19.35 -12.75 -15.05
C GLN C 36 -19.30 -13.69 -13.85
N PRO C 37 -18.30 -13.51 -12.97
CA PRO C 37 -18.30 -14.20 -11.69
C PRO C 37 -19.51 -13.74 -10.89
N ASP C 38 -19.93 -14.56 -9.92
CA ASP C 38 -21.15 -14.30 -9.16
C ASP C 38 -21.19 -12.90 -8.56
N ARG C 39 -22.16 -12.11 -9.02
CA ARG C 39 -22.37 -10.76 -8.49
C ARG C 39 -23.12 -10.81 -7.17
N PRO C 40 -22.48 -10.35 -6.08
CA PRO C 40 -23.09 -10.41 -4.76
C PRO C 40 -24.03 -9.23 -4.50
N VAL C 41 -24.99 -9.04 -5.40
CA VAL C 41 -25.93 -7.94 -5.29
C VAL C 41 -27.16 -8.35 -4.49
N GLY C 42 -27.82 -7.36 -3.89
CA GLY C 42 -28.98 -7.60 -3.05
C GLY C 42 -28.90 -6.74 -1.80
N ARG C 43 -30.03 -6.53 -1.14
CA ARG C 43 -30.07 -5.72 0.07
C ARG C 43 -29.36 -6.41 1.24
N LYS C 44 -29.06 -7.69 1.07
CA LYS C 44 -28.34 -8.46 2.06
C LYS C 44 -26.92 -8.73 1.58
N LYS C 45 -26.69 -8.46 0.30
CA LYS C 45 -25.37 -8.59 -0.33
C LYS C 45 -24.72 -9.98 -0.19
N VAL C 46 -25.28 -10.96 -0.88
CA VAL C 46 -24.69 -12.29 -0.94
C VAL C 46 -24.59 -12.78 -2.39
N LEU C 47 -23.52 -13.51 -2.69
CA LEU C 47 -23.17 -13.91 -4.06
C LEU C 47 -24.31 -14.53 -4.85
N THR C 48 -24.58 -13.97 -6.02
CA THR C 48 -25.65 -14.43 -6.90
C THR C 48 -25.09 -14.70 -8.29
N PRO C 49 -25.38 -15.88 -8.85
CA PRO C 49 -24.86 -16.26 -10.17
C PRO C 49 -25.43 -15.41 -11.30
N THR C 50 -24.68 -15.34 -12.40
CA THR C 50 -25.14 -14.68 -13.62
C THR C 50 -26.35 -15.43 -14.18
N PRO C 51 -27.35 -14.69 -14.70
CA PRO C 51 -28.51 -15.29 -15.36
C PRO C 51 -28.12 -16.26 -16.48
N VAL C 52 -27.06 -15.93 -17.23
CA VAL C 52 -26.53 -16.81 -18.26
C VAL C 52 -25.92 -18.07 -17.63
N LYS C 53 -25.27 -17.88 -16.49
CA LYS C 53 -24.72 -19.00 -15.73
C LYS C 53 -25.85 -19.92 -15.25
N VAL C 54 -26.96 -19.33 -14.84
CA VAL C 54 -28.11 -20.09 -14.37
C VAL C 54 -28.69 -20.97 -15.49
N GLU C 55 -28.88 -20.38 -16.65
CA GLU C 55 -29.37 -21.12 -17.82
C GLU C 55 -28.41 -22.24 -18.18
N ALA C 56 -27.13 -21.90 -18.26
CA ALA C 56 -26.09 -22.86 -18.62
C ALA C 56 -26.04 -24.03 -17.63
N GLU C 57 -26.18 -23.72 -16.35
CA GLU C 57 -26.14 -24.74 -15.30
C GLU C 57 -27.27 -25.77 -15.45
N LYS C 58 -28.31 -25.40 -16.19
CA LYS C 58 -29.41 -26.31 -16.44
C LYS C 58 -29.06 -27.31 -17.54
N HIS C 59 -28.03 -26.99 -18.30
CA HIS C 59 -27.60 -27.85 -19.41
C HIS C 59 -26.34 -28.64 -19.05
N GLY C 60 -25.70 -28.27 -17.95
CA GLY C 60 -24.48 -28.93 -17.52
C GLY C 60 -23.26 -28.39 -18.25
N ILE C 61 -23.48 -27.35 -19.06
CA ILE C 61 -22.38 -26.71 -19.79
C ILE C 61 -21.41 -26.05 -18.82
N PRO C 62 -20.11 -26.33 -18.99
CA PRO C 62 -19.09 -25.72 -18.12
C PRO C 62 -19.03 -24.20 -18.30
N VAL C 63 -18.96 -23.48 -17.20
CA VAL C 63 -18.99 -22.03 -17.23
C VAL C 63 -17.67 -21.42 -16.75
N LEU C 64 -17.15 -20.48 -17.55
CA LEU C 64 -15.93 -19.77 -17.19
C LEU C 64 -16.29 -18.39 -16.67
N GLN C 65 -15.83 -18.08 -15.46
CA GLN C 65 -16.19 -16.82 -14.80
C GLN C 65 -14.97 -15.98 -14.44
N PRO C 66 -14.30 -15.39 -15.45
CA PRO C 66 -13.13 -14.58 -15.16
C PRO C 66 -13.52 -13.15 -14.84
N LEU C 67 -12.67 -12.45 -14.10
CA LEU C 67 -12.87 -11.01 -13.88
C LEU C 67 -12.50 -10.28 -15.16
N ARG C 68 -11.45 -10.77 -15.82
CA ARG C 68 -10.95 -10.14 -17.02
C ARG C 68 -10.49 -11.20 -18.02
N ILE C 69 -11.29 -11.40 -19.07
CA ILE C 69 -11.01 -12.39 -20.10
C ILE C 69 -9.76 -12.04 -20.89
N ARG C 70 -9.44 -10.75 -20.94
CA ARG C 70 -8.26 -10.28 -21.68
C ARG C 70 -6.93 -10.67 -21.03
N GLU C 71 -6.98 -11.07 -19.76
CA GLU C 71 -5.79 -11.54 -19.05
C GLU C 71 -5.38 -12.92 -19.55
N LYS C 72 -4.09 -13.12 -19.75
CA LYS C 72 -3.58 -14.33 -20.40
C LYS C 72 -4.06 -15.61 -19.75
N ASP C 73 -3.98 -15.68 -18.43
CA ASP C 73 -4.46 -16.83 -17.67
C ASP C 73 -5.83 -17.31 -18.13
N GLU C 74 -6.69 -16.35 -18.46
CA GLU C 74 -8.09 -16.65 -18.76
C GLU C 74 -8.37 -16.98 -20.22
N TYR C 75 -7.77 -16.23 -21.15
CA TYR C 75 -8.12 -16.43 -22.56
C TYR C 75 -7.62 -17.76 -23.14
N GLU C 76 -6.56 -18.32 -22.55
CA GLU C 76 -6.06 -19.61 -23.00
C GLU C 76 -7.10 -20.69 -22.71
N LYS C 77 -7.80 -20.55 -21.61
CA LYS C 77 -8.80 -21.52 -21.18
C LYS C 77 -9.95 -21.62 -22.18
N VAL C 78 -10.21 -20.53 -22.89
CA VAL C 78 -11.19 -20.53 -23.98
C VAL C 78 -10.53 -21.02 -25.26
N LEU C 79 -9.28 -20.61 -25.48
CA LEU C 79 -8.53 -21.07 -26.65
C LEU C 79 -8.33 -22.57 -26.58
N ALA C 80 -8.26 -23.10 -25.37
CA ALA C 80 -8.10 -24.55 -25.16
C ALA C 80 -9.40 -25.30 -25.43
N LEU C 81 -10.51 -24.57 -25.54
CA LEU C 81 -11.78 -25.17 -25.89
C LEU C 81 -11.84 -25.42 -27.40
N GLU C 82 -10.97 -24.71 -28.13
CA GLU C 82 -10.88 -24.83 -29.59
C GLU C 82 -12.24 -24.74 -30.30
N PRO C 83 -12.98 -23.66 -30.08
CA PRO C 83 -14.32 -23.59 -30.67
C PRO C 83 -14.28 -23.23 -32.14
N ASP C 84 -15.31 -23.63 -32.88
CA ASP C 84 -15.42 -23.27 -34.29
C ASP C 84 -16.02 -21.87 -34.41
N LEU C 85 -16.92 -21.54 -33.49
CA LEU C 85 -17.59 -20.24 -33.48
C LEU C 85 -17.73 -19.71 -32.06
N ILE C 86 -17.59 -18.39 -31.92
CA ILE C 86 -17.88 -17.74 -30.64
C ILE C 86 -18.99 -16.73 -30.79
N VAL C 87 -20.06 -16.92 -30.02
CA VAL C 87 -21.20 -16.01 -30.05
C VAL C 87 -21.29 -15.22 -28.76
N THR C 88 -21.39 -13.91 -28.87
CA THR C 88 -21.53 -13.05 -27.71
C THR C 88 -22.85 -12.29 -27.77
N ALA C 89 -23.43 -12.02 -26.61
CA ALA C 89 -24.63 -11.22 -26.51
C ALA C 89 -24.59 -10.43 -25.21
N ALA C 90 -24.19 -9.17 -25.30
CA ALA C 90 -24.08 -8.29 -24.15
C ALA C 90 -23.24 -8.89 -23.03
N PHE C 91 -21.98 -9.18 -23.33
CA PHE C 91 -21.09 -9.81 -22.36
C PHE C 91 -20.62 -8.82 -21.29
N GLY C 92 -19.88 -7.79 -21.71
CA GLY C 92 -19.50 -6.74 -20.79
C GLY C 92 -18.00 -6.55 -20.60
N GLN C 93 -17.22 -7.57 -20.93
CA GLN C 93 -15.77 -7.49 -20.84
C GLN C 93 -15.18 -7.42 -22.22
N ILE C 94 -14.06 -6.70 -22.35
CA ILE C 94 -13.41 -6.59 -23.66
C ILE C 94 -12.78 -7.93 -24.02
N VAL C 95 -12.95 -8.32 -25.27
CA VAL C 95 -12.45 -9.60 -25.76
C VAL C 95 -11.16 -9.41 -26.53
N PRO C 96 -10.06 -9.97 -26.01
CA PRO C 96 -8.73 -9.78 -26.59
C PRO C 96 -8.63 -10.39 -27.99
N ASN C 97 -7.69 -9.87 -28.80
CA ASN C 97 -7.55 -10.32 -30.17
C ASN C 97 -7.20 -11.80 -30.29
N GLU C 98 -6.51 -12.33 -29.28
CA GLU C 98 -6.17 -13.75 -29.24
C GLU C 98 -7.41 -14.63 -29.28
N ILE C 99 -8.50 -14.14 -28.68
CA ILE C 99 -9.76 -14.85 -28.70
C ILE C 99 -10.47 -14.66 -30.05
N LEU C 100 -10.40 -13.44 -30.57
CA LEU C 100 -11.09 -13.10 -31.81
C LEU C 100 -10.58 -13.90 -33.00
N GLU C 101 -9.25 -13.96 -33.14
CA GLU C 101 -8.62 -14.59 -34.28
C GLU C 101 -8.86 -16.10 -34.37
N ALA C 102 -8.98 -16.74 -33.21
CA ALA C 102 -8.85 -18.19 -33.13
C ALA C 102 -9.91 -19.05 -33.85
N PRO C 103 -11.21 -18.88 -33.52
CA PRO C 103 -12.19 -19.78 -34.13
C PRO C 103 -12.25 -19.61 -35.65
N LYS C 104 -12.42 -20.72 -36.36
CA LYS C 104 -12.40 -20.71 -37.82
C LYS C 104 -13.52 -19.83 -38.39
N TYR C 105 -14.68 -19.85 -37.73
CA TYR C 105 -15.80 -19.01 -38.14
C TYR C 105 -15.75 -17.64 -37.45
N GLY C 106 -14.94 -17.56 -36.40
CA GLY C 106 -14.68 -16.29 -35.74
C GLY C 106 -15.63 -15.97 -34.60
N CYS C 107 -15.63 -14.70 -34.19
CA CYS C 107 -16.47 -14.24 -33.09
C CYS C 107 -17.51 -13.26 -33.59
N ILE C 108 -18.73 -13.39 -33.09
CA ILE C 108 -19.82 -12.50 -33.50
C ILE C 108 -20.58 -11.95 -32.31
N ASN C 109 -21.12 -10.75 -32.47
CA ASN C 109 -21.90 -10.11 -31.41
C ASN C 109 -23.36 -9.96 -31.82
N VAL C 110 -24.25 -10.10 -30.86
CA VAL C 110 -25.67 -9.84 -31.06
C VAL C 110 -26.00 -8.50 -30.42
N HIS C 111 -26.10 -7.45 -31.22
CA HIS C 111 -26.22 -6.10 -30.70
C HIS C 111 -27.68 -5.62 -30.72
N ALA C 112 -28.05 -4.86 -29.69
CA ALA C 112 -29.42 -4.37 -29.56
C ALA C 112 -29.61 -3.01 -30.22
N SER C 113 -28.94 -2.80 -31.36
CA SER C 113 -29.09 -1.57 -32.12
C SER C 113 -28.93 -1.87 -33.60
N LEU C 114 -29.36 -0.93 -34.44
CA LEU C 114 -29.12 -1.03 -35.88
C LEU C 114 -27.87 -0.24 -36.25
N LEU C 115 -26.73 -0.90 -36.18
CA LEU C 115 -25.45 -0.28 -36.50
C LEU C 115 -25.43 0.21 -37.95
N PRO C 116 -24.64 1.25 -38.25
CA PRO C 116 -23.67 1.98 -37.41
C PRO C 116 -24.25 2.86 -36.30
N GLU C 117 -25.57 3.11 -36.33
CA GLU C 117 -26.17 3.96 -35.31
C GLU C 117 -26.20 3.30 -33.94
N LEU C 118 -25.96 4.09 -32.91
CA LEU C 118 -26.03 3.64 -31.52
C LEU C 118 -25.12 2.46 -31.18
N ARG C 119 -23.82 2.64 -31.42
CA ARG C 119 -22.83 1.75 -30.84
C ARG C 119 -22.84 2.00 -29.34
N GLY C 120 -22.33 1.06 -28.56
CA GLY C 120 -22.19 1.30 -27.14
C GLY C 120 -23.07 0.48 -26.23
N GLY C 121 -23.05 0.81 -24.94
CA GLY C 121 -23.61 -0.03 -23.90
C GLY C 121 -25.05 0.23 -23.48
N ALA C 122 -25.67 1.27 -24.01
CA ALA C 122 -27.08 1.53 -23.69
C ALA C 122 -27.92 1.89 -24.91
N PRO C 123 -28.01 0.99 -25.90
CA PRO C 123 -28.70 1.36 -27.14
C PRO C 123 -30.23 1.23 -27.05
N ILE C 124 -30.72 0.40 -26.14
CA ILE C 124 -32.16 0.24 -25.99
C ILE C 124 -32.73 1.41 -25.21
N HIS C 125 -31.97 1.86 -24.21
CA HIS C 125 -32.33 3.04 -23.44
C HIS C 125 -32.36 4.28 -24.34
N TYR C 126 -31.30 4.45 -25.14
CA TYR C 126 -31.18 5.59 -26.05
C TYR C 126 -32.25 5.60 -27.13
N ALA C 127 -32.57 4.42 -27.66
CA ALA C 127 -33.51 4.29 -28.77
C ALA C 127 -34.87 4.93 -28.47
N ILE C 128 -35.34 4.76 -27.25
CA ILE C 128 -36.62 5.32 -26.85
C ILE C 128 -36.52 6.80 -26.55
N GLU C 130 -34.42 8.96 -27.61
CA GLU C 130 -34.18 9.74 -28.82
C GLU C 130 -35.45 9.87 -29.64
N GLY C 131 -36.49 9.13 -29.24
CA GLY C 131 -37.78 9.22 -29.89
C GLY C 131 -37.86 8.44 -31.19
N LYS C 132 -37.06 7.40 -31.30
CA LYS C 132 -37.07 6.58 -32.51
C LYS C 132 -38.33 5.73 -32.59
N GLU C 133 -38.95 5.73 -33.77
CA GLU C 133 -40.16 4.95 -33.98
C GLU C 133 -39.82 3.48 -34.18
N LYS C 134 -38.61 3.22 -34.65
CA LYS C 134 -38.14 1.85 -34.86
C LYS C 134 -36.68 1.69 -34.50
N THR C 135 -36.32 0.49 -34.06
CA THR C 135 -34.93 0.13 -33.79
C THR C 135 -34.68 -1.25 -34.37
N GLY C 136 -33.70 -1.98 -33.82
CA GLY C 136 -33.45 -3.32 -34.30
C GLY C 136 -32.29 -4.07 -33.69
N ILE C 137 -31.94 -5.20 -34.30
CA ILE C 137 -30.82 -6.02 -33.87
C ILE C 137 -29.80 -6.12 -34.99
N THR C 138 -28.52 -6.04 -34.63
CA THR C 138 -27.45 -6.22 -35.59
C THR C 138 -26.58 -7.40 -35.18
N ILE C 139 -26.31 -8.29 -36.14
CA ILE C 139 -25.33 -9.35 -35.96
C ILE C 139 -24.09 -8.97 -36.75
N TYR C 141 -19.41 -8.99 -36.90
CA TYR C 141 -18.12 -9.47 -36.44
C TYR C 141 -17.60 -8.62 -35.29
N VAL C 143 -14.54 -6.84 -33.27
CA VAL C 143 -13.24 -6.27 -33.61
C VAL C 143 -12.63 -5.56 -32.40
N GLU C 144 -11.55 -4.83 -32.65
CA GLU C 144 -10.84 -4.10 -31.60
C GLU C 144 -11.67 -2.94 -31.04
N LYS C 145 -12.14 -2.09 -31.95
CA LYS C 145 -12.93 -0.93 -31.56
C LYS C 145 -14.36 -1.35 -31.21
N LEU C 146 -14.90 -0.76 -30.14
CA LEU C 146 -16.21 -1.15 -29.60
C LEU C 146 -17.34 -1.08 -30.62
N ASP C 147 -17.96 -2.23 -30.88
CA ASP C 147 -19.14 -2.34 -31.74
C ASP C 147 -18.93 -1.76 -33.15
N ALA C 148 -17.69 -1.75 -33.61
CA ALA C 148 -17.35 -1.16 -34.90
C ALA C 148 -17.16 -2.23 -35.98
N GLY C 149 -17.47 -3.48 -35.64
CA GLY C 149 -17.28 -4.58 -36.56
C GLY C 149 -18.18 -4.54 -37.78
N ASP C 150 -17.74 -5.19 -38.86
CA ASP C 150 -18.50 -5.23 -40.09
C ASP C 150 -19.81 -5.98 -39.93
N ILE C 151 -20.88 -5.41 -40.47
CA ILE C 151 -22.23 -5.94 -40.30
C ILE C 151 -22.46 -7.21 -41.12
N LEU C 152 -23.17 -8.17 -40.53
CA LEU C 152 -23.56 -9.39 -41.24
C LEU C 152 -25.04 -9.33 -41.62
N THR C 153 -25.91 -9.38 -40.61
CA THR C 153 -27.35 -9.27 -40.83
C THR C 153 -28.01 -8.36 -39.80
N GLN C 154 -29.21 -7.88 -40.13
CA GLN C 154 -29.96 -7.01 -39.24
C GLN C 154 -31.45 -7.31 -39.32
N VAL C 155 -32.20 -6.86 -38.32
CA VAL C 155 -33.65 -6.93 -38.37
C VAL C 155 -34.27 -5.74 -37.64
N GLU C 156 -35.19 -5.05 -38.30
CA GLU C 156 -35.82 -3.87 -37.71
C GLU C 156 -36.92 -4.23 -36.73
N VAL C 157 -36.96 -3.52 -35.60
CA VAL C 157 -37.98 -3.76 -34.58
C VAL C 157 -38.71 -2.46 -34.23
N GLU C 158 -40.04 -2.51 -34.30
CA GLU C 158 -40.89 -1.35 -34.04
C GLU C 158 -40.99 -1.01 -32.55
N ILE C 159 -40.73 0.26 -32.24
CA ILE C 159 -40.92 0.77 -30.88
C ILE C 159 -42.30 1.39 -30.75
N GLU C 160 -43.22 0.64 -30.14
CA GLU C 160 -44.59 1.10 -29.97
C GLU C 160 -44.65 2.35 -29.08
N GLU C 161 -45.74 3.08 -29.19
CA GLU C 161 -45.92 4.38 -28.53
C GLU C 161 -45.77 4.32 -27.01
N ARG C 162 -46.25 3.23 -26.41
CA ARG C 162 -46.25 3.11 -24.95
C ARG C 162 -45.17 2.17 -24.43
N GLU C 163 -44.15 1.94 -25.24
CA GLU C 163 -43.09 1.01 -24.86
C GLU C 163 -42.19 1.53 -23.75
N THR C 164 -41.59 0.61 -23.01
CA THR C 164 -40.56 0.93 -22.05
C THR C 164 -39.29 0.22 -22.46
N THR C 165 -38.18 0.58 -21.83
CA THR C 165 -36.90 -0.05 -22.13
C THR C 165 -36.97 -1.53 -21.78
N GLY C 166 -37.66 -1.84 -20.68
CA GLY C 166 -37.82 -3.21 -20.22
C GLY C 166 -38.49 -4.11 -21.23
N SER C 167 -39.65 -3.70 -21.73
CA SER C 167 -40.40 -4.49 -22.70
C SER C 167 -39.65 -4.61 -24.02
N LEU C 168 -38.91 -3.56 -24.36
CA LEU C 168 -38.16 -3.55 -25.61
C LEU C 168 -36.90 -4.42 -25.47
N PHE C 169 -36.41 -4.55 -24.24
CA PHE C 169 -35.30 -5.45 -23.95
C PHE C 169 -35.72 -6.87 -24.32
N ASP C 170 -36.85 -7.30 -23.77
CA ASP C 170 -37.42 -8.61 -24.05
C ASP C 170 -37.70 -8.76 -25.53
N LYS C 171 -38.34 -7.74 -26.09
CA LYS C 171 -38.69 -7.69 -27.51
C LYS C 171 -37.45 -7.91 -28.37
N LEU C 172 -36.40 -7.16 -28.09
CA LEU C 172 -35.15 -7.27 -28.83
C LEU C 172 -34.41 -8.56 -28.50
N SER C 173 -34.58 -9.04 -27.28
CA SER C 173 -33.90 -10.26 -26.83
C SER C 173 -34.27 -11.46 -27.70
N GLU C 174 -35.57 -11.66 -27.91
CA GLU C 174 -36.04 -12.78 -28.71
C GLU C 174 -35.85 -12.53 -30.19
N ALA C 175 -36.01 -11.27 -30.61
CA ALA C 175 -35.81 -10.89 -32.00
C ALA C 175 -34.37 -11.19 -32.41
N GLY C 176 -33.48 -11.12 -31.45
CA GLY C 176 -32.08 -11.45 -31.68
C GLY C 176 -31.87 -12.95 -31.70
N ALA C 177 -32.68 -13.67 -30.93
CA ALA C 177 -32.59 -15.13 -30.90
C ALA C 177 -33.02 -15.71 -32.24
N HIS C 178 -34.04 -15.11 -32.85
CA HIS C 178 -34.51 -15.55 -34.16
C HIS C 178 -33.53 -15.16 -35.25
N LEU C 179 -32.98 -13.95 -35.15
CA LEU C 179 -32.02 -13.46 -36.13
C LEU C 179 -30.71 -14.26 -36.07
N LEU C 180 -30.30 -14.62 -34.87
CA LEU C 180 -29.10 -15.42 -34.67
C LEU C 180 -29.28 -16.82 -35.23
N SER C 181 -30.42 -17.43 -34.92
CA SER C 181 -30.74 -18.78 -35.36
C SER C 181 -30.71 -18.89 -36.88
N LYS C 182 -30.97 -17.76 -37.55
CA LYS C 182 -31.04 -17.74 -39.00
C LYS C 182 -29.67 -17.41 -39.61
N THR C 183 -28.87 -16.65 -38.88
CA THR C 183 -27.63 -16.11 -39.41
C THR C 183 -26.46 -17.11 -39.43
N VAL C 184 -26.26 -17.81 -38.32
CA VAL C 184 -25.15 -18.75 -38.19
C VAL C 184 -25.04 -19.81 -39.29
N PRO C 185 -26.16 -20.43 -39.71
CA PRO C 185 -26.05 -21.37 -40.82
C PRO C 185 -25.49 -20.71 -42.08
N LEU C 186 -25.98 -19.52 -42.40
CA LEU C 186 -25.50 -18.79 -43.57
C LEU C 186 -24.04 -18.39 -43.43
N LEU C 187 -23.60 -18.18 -42.18
CA LEU C 187 -22.23 -17.78 -41.91
C LEU C 187 -21.25 -18.89 -42.26
N ILE C 188 -21.57 -20.11 -41.82
CA ILE C 188 -20.75 -21.28 -42.08
C ILE C 188 -20.74 -21.63 -43.56
N GLN C 189 -21.93 -21.57 -44.17
CA GLN C 189 -22.08 -21.85 -45.60
C GLN C 189 -21.30 -20.83 -46.43
N GLY C 190 -21.05 -19.66 -45.84
CA GLY C 190 -20.28 -18.63 -46.50
C GLY C 190 -21.11 -17.81 -47.47
N LYS C 191 -22.39 -17.66 -47.16
CA LYS C 191 -23.32 -16.98 -48.05
C LYS C 191 -23.58 -15.54 -47.63
N LEU C 192 -22.85 -15.09 -46.61
CA LEU C 192 -22.98 -13.71 -46.14
C LEU C 192 -21.76 -12.90 -46.52
N GLU C 193 -22.00 -11.76 -47.17
CA GLU C 193 -20.92 -10.83 -47.47
C GLU C 193 -20.97 -9.63 -46.52
N PRO C 194 -19.96 -9.53 -45.64
CA PRO C 194 -19.85 -8.52 -44.58
C PRO C 194 -19.92 -7.09 -45.11
N ILE C 195 -20.60 -6.23 -44.38
CA ILE C 195 -20.71 -4.82 -44.74
C ILE C 195 -19.87 -3.96 -43.82
N LYS C 196 -18.93 -3.21 -44.39
CA LYS C 196 -18.15 -2.26 -43.61
C LYS C 196 -19.07 -1.16 -43.09
N GLN C 197 -18.96 -0.87 -41.80
CA GLN C 197 -19.76 0.19 -41.20
C GLN C 197 -19.32 1.57 -41.69
N ASN C 198 -20.29 2.40 -42.04
CA ASN C 198 -20.01 3.77 -42.46
C ASN C 198 -19.85 4.71 -41.27
N GLU C 199 -18.65 5.27 -41.13
CA GLU C 199 -18.32 6.12 -39.98
C GLU C 199 -19.17 7.37 -39.87
N GLU C 200 -19.63 7.90 -40.99
CA GLU C 200 -20.41 9.13 -40.99
C GLU C 200 -21.80 8.97 -40.39
N GLU C 201 -22.33 7.75 -40.39
CA GLU C 201 -23.65 7.48 -39.83
C GLU C 201 -23.56 6.96 -38.41
N VAL C 202 -22.35 6.80 -37.90
CA VAL C 202 -22.13 6.30 -36.55
C VAL C 202 -22.68 7.23 -35.48
N THR C 203 -23.46 6.68 -34.55
CA THR C 203 -23.81 7.37 -33.32
C THR C 203 -23.38 6.48 -32.17
N PHE C 204 -23.56 6.94 -30.93
CA PHE C 204 -23.06 6.19 -29.78
C PHE C 204 -24.00 6.26 -28.58
N ALA C 205 -24.16 5.13 -27.92
CA ALA C 205 -25.04 5.02 -26.76
C ALA C 205 -24.26 4.78 -25.47
N TYR C 206 -23.78 5.87 -24.86
CA TYR C 206 -23.06 5.79 -23.60
C TYR C 206 -23.98 5.29 -22.50
N ASN C 207 -23.41 4.70 -21.46
CA ASN C 207 -24.21 4.27 -20.32
C ASN C 207 -24.76 5.47 -19.55
N ILE C 208 -25.87 5.26 -18.85
CA ILE C 208 -26.61 6.36 -18.24
C ILE C 208 -25.98 6.86 -16.94
N LYS C 209 -25.58 8.12 -16.94
CA LYS C 209 -25.09 8.79 -15.74
C LYS C 209 -26.29 9.36 -14.98
N ARG C 210 -26.13 9.58 -13.68
CA ARG C 210 -27.23 10.08 -12.85
C ARG C 210 -27.74 11.44 -13.32
N GLU C 211 -26.81 12.27 -13.82
CA GLU C 211 -27.16 13.61 -14.30
C GLU C 211 -27.95 13.53 -15.59
N GLN C 212 -27.97 12.36 -16.21
CA GLN C 212 -28.74 12.13 -17.42
C GLN C 212 -30.10 11.52 -17.09
N GLU C 213 -30.30 11.16 -15.82
CA GLU C 213 -31.57 10.61 -15.37
C GLU C 213 -32.53 11.72 -14.98
N LYS C 214 -32.00 12.93 -14.80
CA LYS C 214 -32.82 14.08 -14.42
C LYS C 214 -33.65 14.59 -15.58
N ILE C 215 -34.92 14.85 -15.32
CA ILE C 215 -35.84 15.35 -16.33
C ILE C 215 -35.62 16.84 -16.58
N ASP C 216 -35.54 17.22 -17.85
CA ASP C 216 -35.50 18.63 -18.23
C ASP C 216 -36.87 19.04 -18.77
N TRP C 217 -37.65 19.75 -17.96
CA TRP C 217 -39.01 20.12 -18.35
C TRP C 217 -39.05 21.17 -19.46
N THR C 218 -37.89 21.77 -19.74
CA THR C 218 -37.74 22.69 -20.86
C THR C 218 -38.02 21.95 -22.18
N LYS C 219 -37.76 20.65 -22.18
CA LYS C 219 -38.03 19.81 -23.35
C LYS C 219 -39.53 19.68 -23.61
N THR C 220 -39.86 19.28 -24.83
CA THR C 220 -41.26 19.12 -25.21
C THR C 220 -41.88 17.96 -24.43
N GLY C 221 -43.21 17.95 -24.36
CA GLY C 221 -43.92 16.92 -23.62
C GLY C 221 -43.69 15.53 -24.17
N GLU C 222 -43.37 15.45 -25.46
CA GLU C 222 -43.10 14.18 -26.12
C GLU C 222 -41.74 13.64 -25.71
N GLU C 223 -40.77 14.54 -25.61
CA GLU C 223 -39.42 14.16 -25.20
C GLU C 223 -39.37 13.79 -23.73
N VAL C 224 -40.11 14.54 -22.91
CA VAL C 224 -40.22 14.23 -21.49
C VAL C 224 -40.94 12.88 -21.33
N TYR C 225 -41.88 12.62 -22.23
CA TYR C 225 -42.54 11.33 -22.27
C TYR C 225 -41.56 10.21 -22.61
N ASN C 226 -40.66 10.51 -23.55
CA ASN C 226 -39.67 9.52 -23.98
C ASN C 226 -38.54 9.30 -22.98
N HIS C 227 -38.13 10.38 -22.30
CA HIS C 227 -37.09 10.30 -21.29
C HIS C 227 -37.50 9.38 -20.15
N ILE C 228 -38.74 9.54 -19.69
CA ILE C 228 -39.25 8.76 -18.57
C ILE C 228 -39.40 7.29 -18.93
N ARG C 229 -40.08 7.00 -20.03
CA ARG C 229 -40.29 5.62 -20.46
C ARG C 229 -38.99 4.98 -20.93
N GLY C 230 -38.03 5.80 -21.33
CA GLY C 230 -36.74 5.30 -21.77
C GLY C 230 -35.90 4.77 -20.63
N LEU C 231 -36.18 5.22 -19.41
CA LEU C 231 -35.41 4.82 -18.23
C LEU C 231 -36.17 3.80 -17.39
N ASN C 232 -37.25 3.26 -17.94
CA ASN C 232 -38.09 2.27 -17.26
C ASN C 232 -37.76 0.86 -17.72
N PRO C 233 -37.56 -0.07 -16.76
CA PRO C 233 -37.63 0.10 -15.31
C PRO C 233 -36.29 0.38 -14.62
N TRP C 234 -35.25 0.67 -15.40
N TRP C 234 -35.25 0.67 -15.39
CA TRP C 234 -33.96 1.05 -14.85
CA TRP C 234 -33.96 1.05 -14.83
C TRP C 234 -33.21 1.93 -15.84
C TRP C 234 -33.21 1.93 -15.83
N PRO C 235 -32.50 2.96 -15.34
CA PRO C 235 -32.38 3.35 -13.92
C PRO C 235 -33.47 4.27 -13.38
N VAL C 236 -34.56 4.44 -14.12
CA VAL C 236 -35.69 5.29 -13.69
C VAL C 236 -35.40 6.79 -13.61
N ALA C 237 -36.24 7.60 -14.22
CA ALA C 237 -36.09 9.07 -14.24
C ALA C 237 -36.35 9.79 -12.91
N TYR C 238 -35.76 10.98 -12.75
CA TYR C 238 -36.00 11.82 -11.57
C TYR C 238 -36.09 13.34 -11.81
N THR C 239 -36.71 14.04 -10.86
CA THR C 239 -36.69 15.50 -10.72
C THR C 239 -36.86 15.84 -9.27
N THR C 240 -36.80 17.14 -8.98
CA THR C 240 -37.06 17.61 -7.64
C THR C 240 -38.42 18.27 -7.50
N LEU C 241 -39.13 17.86 -6.48
CA LEU C 241 -40.34 18.50 -6.06
C LEU C 241 -40.12 18.94 -4.63
N ALA C 242 -40.32 20.22 -4.37
CA ALA C 242 -40.16 20.75 -3.03
C ALA C 242 -38.77 20.48 -2.56
N GLY C 243 -37.81 20.55 -3.47
CA GLY C 243 -36.43 20.29 -3.13
C GLY C 243 -36.20 18.85 -2.72
N GLN C 244 -37.10 17.97 -3.12
CA GLN C 244 -37.01 16.55 -2.79
C GLN C 244 -36.87 15.71 -4.06
N VAL C 245 -35.99 14.72 -4.03
CA VAL C 245 -35.78 13.84 -5.17
C VAL C 245 -36.93 12.86 -5.35
N VAL C 246 -37.58 12.91 -6.50
CA VAL C 246 -38.69 12.01 -6.80
C VAL C 246 -38.42 11.23 -8.08
N LYS C 247 -38.47 9.91 -7.98
CA LYS C 247 -38.37 9.07 -9.16
C LYS C 247 -39.69 9.03 -9.91
N VAL C 248 -39.62 9.18 -11.23
CA VAL C 248 -40.82 9.16 -12.06
C VAL C 248 -40.83 7.94 -12.96
N TRP C 249 -41.71 7.00 -12.67
CA TRP C 249 -41.81 5.76 -13.43
C TRP C 249 -42.55 5.94 -14.76
N TRP C 250 -43.74 6.53 -14.71
CA TRP C 250 -44.53 6.70 -15.91
C TRP C 250 -45.26 8.04 -15.93
N GLY C 251 -45.45 8.58 -17.12
CA GLY C 251 -46.22 9.80 -17.30
C GLY C 251 -47.02 9.71 -18.60
N GLU C 252 -48.09 10.51 -18.68
CA GLU C 252 -48.92 10.55 -19.88
C GLU C 252 -48.90 11.90 -20.56
N LYS C 253 -49.06 11.91 -21.87
CA LYS C 253 -49.06 13.15 -22.64
C LYS C 253 -50.46 13.76 -22.71
N VAL C 254 -50.68 14.78 -21.90
CA VAL C 254 -51.96 15.49 -21.89
C VAL C 254 -51.79 16.98 -22.17
N PRO C 255 -52.44 17.46 -23.23
CA PRO C 255 -52.34 18.88 -23.61
C PRO C 255 -52.84 19.77 -22.49
N VAL C 256 -52.09 20.83 -22.19
CA VAL C 256 -52.42 21.71 -21.10
C VAL C 256 -53.31 22.86 -21.55
N THR C 257 -54.40 23.09 -20.81
CA THR C 257 -55.38 24.12 -21.10
C THR C 257 -54.73 25.49 -21.32
N LYS C 258 -53.76 25.81 -20.47
CA LYS C 258 -53.01 27.06 -20.59
C LYS C 258 -51.51 26.78 -20.51
N SER C 259 -50.81 27.02 -21.62
CA SER C 259 -49.36 26.85 -21.64
C SER C 259 -48.71 27.84 -20.68
N ALA C 260 -47.70 27.38 -19.96
CA ALA C 260 -47.06 28.20 -18.94
C ALA C 260 -45.59 27.84 -18.78
N GLU C 261 -45.02 28.26 -17.66
CA GLU C 261 -43.63 27.94 -17.34
C GLU C 261 -43.43 26.43 -17.31
N ALA C 262 -42.37 25.97 -17.97
CA ALA C 262 -42.04 24.56 -17.97
C ALA C 262 -41.73 24.08 -16.56
N GLY C 263 -42.29 22.93 -16.19
CA GLY C 263 -42.06 22.36 -14.87
C GLY C 263 -43.09 22.79 -13.85
N THR C 264 -44.21 23.31 -14.34
CA THR C 264 -45.28 23.78 -13.46
C THR C 264 -46.44 22.80 -13.38
N ILE C 265 -46.89 22.50 -12.16
CA ILE C 265 -48.04 21.63 -11.97
C ILE C 265 -49.32 22.38 -12.34
N VAL C 266 -49.77 22.18 -13.58
CA VAL C 266 -50.86 22.96 -14.15
C VAL C 266 -52.25 22.46 -13.80
N ALA C 267 -52.35 21.21 -13.34
CA ALA C 267 -53.64 20.64 -12.99
C ALA C 267 -53.51 19.43 -12.07
N ILE C 268 -54.65 18.95 -11.58
CA ILE C 268 -54.70 17.76 -10.75
C ILE C 268 -55.89 16.89 -11.15
N GLU C 269 -55.61 15.65 -11.54
CA GLU C 269 -56.65 14.67 -11.80
C GLU C 269 -56.59 13.62 -10.70
N GLU C 270 -57.43 12.61 -10.78
CA GLU C 270 -57.46 11.58 -9.75
C GLU C 270 -56.28 10.61 -9.87
N ASP C 271 -55.77 10.45 -11.09
CA ASP C 271 -54.70 9.49 -11.35
C ASP C 271 -53.33 10.15 -11.48
N GLY C 272 -53.25 11.44 -11.16
CA GLY C 272 -51.98 12.15 -11.20
C GLY C 272 -52.13 13.63 -11.46
N PHE C 273 -51.01 14.35 -11.41
CA PHE C 273 -51.00 15.78 -11.68
C PHE C 273 -50.27 16.08 -12.99
N VAL C 274 -50.71 17.13 -13.67
CA VAL C 274 -50.15 17.49 -14.97
C VAL C 274 -49.04 18.54 -14.81
N VAL C 275 -47.94 18.35 -15.54
CA VAL C 275 -46.80 19.26 -15.47
C VAL C 275 -46.53 19.91 -16.82
N ALA C 276 -46.45 21.23 -16.84
CA ALA C 276 -46.18 21.96 -18.08
C ALA C 276 -44.76 21.74 -18.57
N THR C 277 -44.62 21.54 -19.87
CA THR C 277 -43.31 21.32 -20.48
C THR C 277 -42.89 22.51 -21.34
N GLY C 278 -41.94 22.28 -22.23
CA GLY C 278 -41.43 23.33 -23.10
C GLY C 278 -42.33 23.63 -24.27
N ASN C 279 -43.49 22.98 -24.31
CA ASN C 279 -44.47 23.27 -25.36
C ASN C 279 -45.91 23.11 -24.86
N GLU C 280 -46.83 22.94 -25.82
CA GLU C 280 -48.26 22.89 -25.53
C GLU C 280 -48.69 21.58 -24.88
N THR C 281 -47.74 20.66 -24.72
CA THR C 281 -48.01 19.36 -24.13
C THR C 281 -47.53 19.31 -22.69
N GLY C 282 -48.30 18.63 -21.84
CA GLY C 282 -47.91 18.45 -20.45
C GLY C 282 -47.75 16.98 -20.14
N VAL C 283 -47.25 16.65 -18.95
CA VAL C 283 -47.06 15.26 -18.56
C VAL C 283 -47.77 14.94 -17.25
N LYS C 284 -48.74 14.03 -17.31
CA LYS C 284 -49.41 13.57 -16.11
C LYS C 284 -48.68 12.37 -15.51
N ILE C 285 -47.92 12.62 -14.46
CA ILE C 285 -47.18 11.58 -13.77
C ILE C 285 -48.16 10.70 -13.00
N THR C 286 -48.29 9.46 -13.44
CA THR C 286 -49.26 8.54 -12.85
C THR C 286 -48.59 7.45 -12.02
N GLU C 287 -47.26 7.37 -12.09
CA GLU C 287 -46.50 6.46 -11.26
C GLU C 287 -45.17 7.09 -10.88
N LEU C 288 -44.89 7.09 -9.58
CA LEU C 288 -43.70 7.78 -9.07
C LEU C 288 -43.20 7.14 -7.78
N GLN C 289 -41.99 7.53 -7.37
CA GLN C 289 -41.42 7.05 -6.13
C GLN C 289 -40.64 8.14 -5.41
N PRO C 290 -41.29 8.81 -4.46
CA PRO C 290 -40.65 9.83 -3.61
C PRO C 290 -39.54 9.23 -2.75
N SER C 291 -38.68 10.08 -2.20
CA SER C 291 -37.51 9.65 -1.44
C SER C 291 -37.86 8.70 -0.31
N GLY C 292 -37.17 7.56 -0.28
CA GLY C 292 -37.34 6.57 0.78
C GLY C 292 -38.74 6.01 0.88
N LYS C 293 -39.43 5.94 -0.24
CA LYS C 293 -40.79 5.41 -0.27
C LYS C 293 -40.95 4.30 -1.30
N LYS C 294 -42.10 3.64 -1.28
CA LYS C 294 -42.37 2.53 -2.19
C LYS C 294 -42.74 3.01 -3.59
N ARG C 295 -42.70 2.10 -4.55
CA ARG C 295 -43.25 2.36 -5.87
C ARG C 295 -44.77 2.30 -5.77
N SER C 297 -48.78 4.19 -7.43
CA SER C 297 -49.46 5.05 -8.40
C SER C 297 -49.61 6.43 -7.81
N CYS C 298 -49.52 7.45 -8.66
CA CYS C 298 -49.71 8.82 -8.21
C CYS C 298 -51.16 9.03 -7.80
N SER C 299 -52.04 8.18 -8.34
CA SER C 299 -53.44 8.15 -7.96
C SER C 299 -53.54 7.86 -6.47
N GLN C 300 -52.68 6.97 -6.01
CA GLN C 300 -52.63 6.57 -4.61
C GLN C 300 -51.74 7.53 -3.83
N PHE C 301 -50.81 8.18 -4.52
CA PHE C 301 -49.84 9.06 -3.90
C PHE C 301 -50.41 10.42 -3.52
N LEU C 302 -51.33 10.93 -4.33
CA LEU C 302 -51.90 12.27 -4.14
C LEU C 302 -52.58 12.46 -2.78
N ARG C 303 -52.92 11.36 -2.14
CA ARG C 303 -53.56 11.42 -0.83
C ARG C 303 -52.54 11.57 0.28
N GLY C 304 -51.26 11.45 -0.08
CA GLY C 304 -50.18 11.51 0.88
C GLY C 304 -49.47 12.85 0.96
N THR C 305 -49.17 13.45 -0.19
CA THR C 305 -48.45 14.72 -0.19
C THR C 305 -49.19 15.98 -0.69
N LYS C 306 -50.11 15.85 -1.64
CA LYS C 306 -50.90 17.00 -2.06
C LYS C 306 -50.12 18.23 -2.52
N PRO C 307 -49.38 18.12 -3.71
CA PRO C 307 -48.67 19.34 -4.10
C PRO C 307 -49.62 20.47 -4.50
N GLU C 308 -49.28 21.69 -4.16
CA GLU C 308 -50.08 22.84 -4.57
C GLU C 308 -50.00 23.06 -6.07
N ILE C 309 -51.10 23.42 -6.69
CA ILE C 309 -51.07 23.71 -8.11
C ILE C 309 -50.25 24.95 -8.35
N GLY C 310 -49.38 24.93 -9.34
CA GLY C 310 -48.53 26.06 -9.66
C GLY C 310 -47.12 25.87 -9.12
N THR C 311 -46.89 24.72 -8.50
CA THR C 311 -45.58 24.40 -7.93
C THR C 311 -44.59 24.07 -9.04
N LYS C 312 -43.35 24.50 -8.87
CA LYS C 312 -42.28 24.19 -9.81
C LYS C 312 -41.57 22.91 -9.40
N LEU C 313 -41.23 22.11 -10.40
CA LEU C 313 -40.54 20.85 -10.20
C LEU C 313 -39.13 20.99 -10.73
N GLY C 314 -38.17 20.52 -9.95
CA GLY C 314 -36.76 20.73 -10.26
C GLY C 314 -36.19 21.89 -9.48
N GLU C 315 -34.88 21.99 -9.42
CA GLU C 315 -34.24 23.08 -8.70
C GLU C 315 -33.98 24.26 -9.63
N SER D 1 28.25 25.38 37.00
CA SER D 1 29.11 24.74 37.99
C SER D 1 30.47 24.43 37.39
N ASN D 2 31.33 23.80 38.19
CA ASN D 2 32.74 23.62 37.85
C ASN D 2 33.04 23.04 36.46
N ALA D 3 34.21 23.38 35.94
CA ALA D 3 34.67 22.88 34.64
C ALA D 3 35.41 21.57 34.79
N ILE D 5 33.63 19.06 35.96
CA ILE D 5 32.52 18.15 35.75
C ILE D 5 32.38 17.86 34.26
N LYS D 6 32.62 16.60 33.88
CA LYS D 6 32.59 16.19 32.49
C LYS D 6 31.17 15.78 32.08
N VAL D 7 30.58 16.54 31.18
CA VAL D 7 29.20 16.30 30.77
C VAL D 7 29.09 15.87 29.30
N VAL D 8 28.36 14.79 29.06
CA VAL D 8 27.98 14.42 27.70
C VAL D 8 26.50 14.70 27.51
N PHE D 9 26.17 15.48 26.48
CA PHE D 9 24.78 15.84 26.21
C PHE D 9 24.19 14.99 25.09
N GLY D 11 20.71 14.86 22.60
CA GLY D 11 19.50 15.51 22.14
C GLY D 11 19.57 15.77 20.65
N THR D 12 18.44 16.16 20.07
CA THR D 12 18.35 16.35 18.61
C THR D 12 17.63 17.61 18.15
N PRO D 13 16.35 17.80 18.57
CA PRO D 13 15.62 18.89 17.92
C PRO D 13 15.98 20.27 18.46
N ASP D 14 15.27 21.28 17.97
CA ASP D 14 15.48 22.66 18.39
C ASP D 14 15.20 22.84 19.88
N PHE D 15 14.35 21.97 20.42
CA PHE D 15 14.00 22.01 21.84
C PHE D 15 15.23 21.87 22.72
N SER D 16 16.20 21.11 22.23
CA SER D 16 17.37 20.75 23.04
C SER D 16 18.48 21.81 22.95
N VAL D 17 18.48 22.57 21.87
CA VAL D 17 19.56 23.54 21.62
C VAL D 17 19.81 24.53 22.76
N PRO D 18 18.77 25.17 23.30
CA PRO D 18 19.04 26.09 24.41
C PRO D 18 19.51 25.37 25.67
N VAL D 19 19.21 24.08 25.76
CA VAL D 19 19.58 23.29 26.92
C VAL D 19 21.06 22.92 26.88
N LEU D 20 21.53 22.49 25.70
CA LEU D 20 22.94 22.16 25.51
C LEU D 20 23.80 23.41 25.68
N ARG D 21 23.48 24.44 24.91
CA ARG D 21 24.18 25.72 24.94
C ARG D 21 24.34 26.24 26.37
N ARG D 22 23.31 26.05 27.19
CA ARG D 22 23.32 26.53 28.57
C ARG D 22 24.41 25.88 29.41
N LEU D 23 24.50 24.56 29.34
CA LEU D 23 25.51 23.80 30.08
C LEU D 23 26.91 24.27 29.71
N ILE D 24 27.13 24.48 28.41
CA ILE D 24 28.39 24.99 27.91
C ILE D 24 28.70 26.35 28.50
N GLU D 25 27.68 27.21 28.53
CA GLU D 25 27.84 28.57 29.03
C GLU D 25 27.84 28.62 30.56
N ASP D 26 27.24 27.62 31.19
CA ASP D 26 27.21 27.55 32.64
C ASP D 26 28.58 27.17 33.19
N GLY D 27 29.45 26.67 32.32
CA GLY D 27 30.82 26.37 32.70
C GLY D 27 31.17 24.90 32.68
N TYR D 28 30.19 24.03 32.47
CA TYR D 28 30.43 22.60 32.43
C TYR D 28 31.30 22.21 31.24
N ASP D 29 32.09 21.16 31.41
CA ASP D 29 32.93 20.67 30.33
C ASP D 29 32.16 19.66 29.48
N VAL D 30 31.46 20.16 28.46
CA VAL D 30 30.77 19.30 27.53
C VAL D 30 31.80 18.64 26.64
N ILE D 31 32.21 17.44 27.03
CA ILE D 31 33.28 16.71 26.34
C ILE D 31 32.80 15.98 25.09
N GLY D 32 31.48 15.88 24.95
CA GLY D 32 30.91 15.18 23.81
C GLY D 32 29.41 15.36 23.71
N VAL D 33 28.89 15.21 22.50
CA VAL D 33 27.46 15.31 22.26
C VAL D 33 26.99 14.14 21.38
N VAL D 34 25.88 13.52 21.76
CA VAL D 34 25.30 12.44 20.97
C VAL D 34 23.99 12.93 20.36
N THR D 35 23.74 12.53 19.11
CA THR D 35 22.53 12.94 18.40
C THR D 35 22.22 12.01 17.23
N GLN D 36 20.99 12.07 16.70
CA GLN D 36 20.61 11.24 15.57
C GLN D 36 21.38 11.68 14.32
N PRO D 37 21.62 10.74 13.40
CA PRO D 37 22.28 11.06 12.12
C PRO D 37 21.52 12.14 11.35
N ASP D 38 22.18 12.76 10.38
CA ASP D 38 21.53 13.77 9.56
C ASP D 38 20.29 13.19 8.88
N ARG D 39 19.15 13.86 9.05
CA ARG D 39 17.90 13.36 8.51
C ARG D 39 17.15 14.39 7.67
N PRO D 40 16.48 13.94 6.60
CA PRO D 40 15.69 14.83 5.73
C PRO D 40 14.50 15.44 6.45
N VAL D 41 14.54 16.76 6.64
CA VAL D 41 13.44 17.49 7.27
C VAL D 41 13.16 18.79 6.52
N GLY D 42 11.95 19.33 6.70
CA GLY D 42 11.58 20.57 6.05
C GLY D 42 10.66 20.35 4.86
N ARG D 43 10.59 21.34 3.98
CA ARG D 43 9.69 21.27 2.82
C ARG D 43 10.23 20.33 1.74
N LYS D 44 11.50 20.48 1.41
CA LYS D 44 12.11 19.74 0.30
C LYS D 44 12.76 18.43 0.75
N LYS D 45 12.66 18.14 2.05
CA LYS D 45 13.26 16.94 2.65
C LYS D 45 14.76 16.85 2.39
N VAL D 46 15.45 17.96 2.67
CA VAL D 46 16.90 18.03 2.52
C VAL D 46 17.60 17.42 3.74
N LEU D 47 18.64 16.63 3.48
CA LEU D 47 19.47 16.08 4.53
C LEU D 47 20.23 17.19 5.25
N THR D 48 19.61 17.74 6.29
CA THR D 48 20.24 18.78 7.09
C THR D 48 20.85 18.20 8.37
N PRO D 49 21.95 18.80 8.84
CA PRO D 49 22.51 18.38 10.13
C PRO D 49 21.53 18.62 11.26
N THR D 50 21.63 17.82 12.31
CA THR D 50 20.86 18.01 13.52
C THR D 50 21.13 19.38 14.12
N PRO D 51 20.08 20.08 14.57
CA PRO D 51 20.20 21.38 15.24
C PRO D 51 21.16 21.33 16.42
N VAL D 52 21.12 20.24 17.19
CA VAL D 52 22.04 20.04 18.29
C VAL D 52 23.47 19.86 17.78
N LYS D 53 23.59 19.16 16.66
CA LYS D 53 24.88 18.97 16.00
C LYS D 53 25.45 20.30 15.53
N VAL D 54 24.59 21.16 14.98
CA VAL D 54 25.01 22.46 14.49
C VAL D 54 25.52 23.34 15.63
N GLU D 55 24.82 23.32 16.76
CA GLU D 55 25.24 24.06 17.95
C GLU D 55 26.59 23.55 18.45
N ALA D 56 26.75 22.24 18.47
CA ALA D 56 27.98 21.62 18.96
C ALA D 56 29.16 21.94 18.05
N GLU D 57 28.91 21.90 16.74
CA GLU D 57 29.95 22.20 15.75
C GLU D 57 30.38 23.67 15.79
N LYS D 58 29.63 24.50 16.50
CA LYS D 58 30.00 25.88 16.70
C LYS D 58 31.02 26.01 17.83
N HIS D 59 30.98 25.06 18.77
CA HIS D 59 31.85 25.09 19.93
C HIS D 59 33.11 24.25 19.75
N GLY D 60 33.11 23.39 18.73
CA GLY D 60 34.22 22.49 18.52
C GLY D 60 34.11 21.29 19.44
N ILE D 61 32.88 20.86 19.69
CA ILE D 61 32.60 19.68 20.50
C ILE D 61 32.43 18.48 19.57
N PRO D 62 33.06 17.35 19.91
CA PRO D 62 32.88 16.15 19.10
C PRO D 62 31.44 15.64 19.16
N VAL D 63 30.90 15.25 18.01
CA VAL D 63 29.52 14.81 17.91
C VAL D 63 29.42 13.35 17.47
N LEU D 64 28.54 12.60 18.11
CA LEU D 64 28.31 11.20 17.76
C LEU D 64 26.95 11.04 17.09
N GLN D 65 26.93 10.41 15.92
CA GLN D 65 25.67 10.17 15.22
C GLN D 65 25.43 8.71 14.87
N PRO D 66 25.13 7.88 15.89
CA PRO D 66 24.82 6.47 15.63
C PRO D 66 23.33 6.29 15.34
N LEU D 67 22.99 5.19 14.67
CA LEU D 67 21.59 4.86 14.41
C LEU D 67 20.97 4.34 15.70
N ARG D 68 21.69 3.46 16.38
CA ARG D 68 21.24 2.90 17.65
C ARG D 68 22.38 2.93 18.65
N ILE D 69 22.20 3.71 19.70
CA ILE D 69 23.23 3.87 20.73
C ILE D 69 23.26 2.68 21.66
N ARG D 70 22.22 1.85 21.62
CA ARG D 70 22.14 0.67 22.48
C ARG D 70 22.98 -0.48 21.92
N GLU D 71 23.46 -0.31 20.69
CA GLU D 71 24.37 -1.28 20.08
C GLU D 71 25.77 -1.10 20.66
N LYS D 72 26.37 -2.20 21.11
CA LYS D 72 27.63 -2.19 21.85
C LYS D 72 28.75 -1.44 21.17
N ASP D 73 28.80 -1.52 19.85
CA ASP D 73 29.83 -0.85 19.07
C ASP D 73 29.80 0.67 19.27
N GLU D 74 28.63 1.19 19.61
CA GLU D 74 28.43 2.64 19.71
C GLU D 74 28.40 3.17 21.15
N TYR D 75 27.87 2.39 22.09
CA TYR D 75 27.78 2.90 23.46
C TYR D 75 29.12 2.93 24.19
N GLU D 76 30.08 2.17 23.70
CA GLU D 76 31.41 2.17 24.29
C GLU D 76 32.13 3.48 23.99
N LYS D 77 31.77 4.10 22.86
CA LYS D 77 32.38 5.35 22.44
C LYS D 77 32.04 6.47 23.41
N VAL D 78 30.89 6.34 24.07
CA VAL D 78 30.47 7.31 25.07
C VAL D 78 31.09 6.99 26.43
N LEU D 79 31.11 5.71 26.77
CA LEU D 79 31.74 5.26 28.01
C LEU D 79 33.23 5.57 27.99
N ALA D 80 33.82 5.55 26.80
CA ALA D 80 35.23 5.87 26.64
C ALA D 80 35.51 7.34 26.93
N LEU D 81 34.47 8.15 26.96
CA LEU D 81 34.60 9.56 27.32
C LEU D 81 34.66 9.68 28.84
N GLU D 82 34.20 8.63 29.52
CA GLU D 82 34.19 8.55 30.98
C GLU D 82 33.64 9.81 31.64
N PRO D 83 32.38 10.14 31.33
CA PRO D 83 31.81 11.41 31.80
C PRO D 83 31.29 11.32 33.24
N ASP D 84 31.15 12.47 33.89
CA ASP D 84 30.67 12.54 35.26
C ASP D 84 29.16 12.65 35.29
N LEU D 85 28.59 13.19 34.22
CA LEU D 85 27.16 13.41 34.13
C LEU D 85 26.71 13.29 32.69
N ILE D 86 25.50 12.78 32.50
CA ILE D 86 24.88 12.77 31.17
C ILE D 86 23.55 13.47 31.21
N VAL D 87 23.46 14.57 30.46
CA VAL D 87 22.22 15.32 30.35
C VAL D 87 21.56 15.06 29.01
N THR D 88 20.30 14.64 29.04
CA THR D 88 19.53 14.37 27.83
C THR D 88 18.31 15.28 27.68
N ALA D 89 18.10 15.75 26.47
CA ALA D 89 16.88 16.43 26.12
C ALA D 89 16.38 16.00 24.76
N ALA D 90 15.24 15.33 24.74
CA ALA D 90 14.60 14.88 23.51
C ALA D 90 15.51 14.11 22.56
N PHE D 91 16.19 13.10 23.07
CA PHE D 91 17.16 12.39 22.25
C PHE D 91 16.45 11.59 21.16
N GLY D 92 15.67 10.59 21.57
CA GLY D 92 14.86 9.83 20.63
C GLY D 92 15.25 8.37 20.49
N GLN D 93 16.40 8.02 21.04
CA GLN D 93 16.86 6.63 21.00
C GLN D 93 16.89 6.05 22.40
N ILE D 94 16.70 4.75 22.50
CA ILE D 94 16.71 4.07 23.78
C ILE D 94 18.14 3.94 24.30
N VAL D 95 18.38 4.47 25.50
CA VAL D 95 19.69 4.47 26.12
C VAL D 95 19.88 3.22 26.98
N PRO D 96 20.86 2.38 26.64
CA PRO D 96 21.10 1.11 27.33
C PRO D 96 21.53 1.31 28.78
N ASN D 97 21.30 0.30 29.61
CA ASN D 97 21.64 0.37 31.03
C ASN D 97 23.13 0.54 31.26
N GLU D 98 23.94 0.07 30.30
CA GLU D 98 25.38 0.21 30.37
C GLU D 98 25.79 1.68 30.41
N ILE D 99 24.98 2.53 29.79
CA ILE D 99 25.23 3.97 29.79
C ILE D 99 24.62 4.63 31.02
N LEU D 100 23.48 4.14 31.46
CA LEU D 100 22.78 4.72 32.60
C LEU D 100 23.56 4.57 33.91
N GLU D 101 24.22 3.43 34.06
CA GLU D 101 24.91 3.11 35.31
C GLU D 101 26.31 3.71 35.40
N ALA D 102 26.82 4.19 34.28
CA ALA D 102 28.22 4.62 34.20
C ALA D 102 28.59 5.94 34.89
N PRO D 103 27.90 7.06 34.53
CA PRO D 103 28.32 8.34 35.11
C PRO D 103 28.09 8.39 36.61
N LYS D 104 29.00 9.04 37.31
CA LYS D 104 28.97 9.10 38.77
C LYS D 104 27.76 9.88 39.29
N TYR D 105 27.41 10.96 38.61
CA TYR D 105 26.29 11.79 39.03
C TYR D 105 24.99 11.30 38.39
N GLY D 106 25.12 10.58 37.28
CA GLY D 106 23.98 9.91 36.69
C GLY D 106 23.60 10.40 35.31
N CYS D 107 22.46 9.92 34.84
CA CYS D 107 21.89 10.34 33.57
C CYS D 107 20.54 10.99 33.82
N ILE D 108 20.37 12.22 33.33
CA ILE D 108 19.13 12.96 33.55
C ILE D 108 18.50 13.42 32.25
N ASN D 109 17.17 13.48 32.24
CA ASN D 109 16.44 13.90 31.07
C ASN D 109 15.65 15.18 31.35
N VAL D 110 15.44 15.97 30.31
CA VAL D 110 14.60 17.16 30.42
C VAL D 110 13.28 16.88 29.72
N HIS D 111 12.23 16.65 30.50
N HIS D 111 12.24 16.63 30.50
CA HIS D 111 10.95 16.27 29.93
CA HIS D 111 10.94 16.28 29.94
C HIS D 111 9.95 17.44 29.94
C HIS D 111 10.01 17.49 29.91
N ALA D 112 9.28 17.63 28.82
CA ALA D 112 8.36 18.76 28.65
C ALA D 112 6.97 18.55 29.23
N SER D 113 6.88 17.80 30.32
CA SER D 113 5.63 17.70 31.07
C SER D 113 5.89 17.64 32.56
N LEU D 114 4.87 17.95 33.35
CA LEU D 114 4.94 17.78 34.80
C LEU D 114 4.57 16.35 35.14
N LEU D 115 5.60 15.50 35.25
CA LEU D 115 5.43 14.08 35.51
C LEU D 115 4.81 13.83 36.88
N PRO D 116 4.18 12.66 37.09
CA PRO D 116 4.04 11.48 36.22
C PRO D 116 3.09 11.66 35.04
N GLU D 117 2.34 12.76 35.00
CA GLU D 117 1.39 12.97 33.90
C GLU D 117 2.09 13.22 32.58
N LEU D 118 1.49 12.73 31.50
CA LEU D 118 2.00 12.89 30.15
C LEU D 118 3.44 12.39 29.95
N ARG D 119 3.68 11.13 30.31
CA ARG D 119 4.89 10.46 29.88
C ARG D 119 4.80 10.29 28.37
N GLY D 120 5.92 10.09 27.71
CA GLY D 120 5.88 9.75 26.30
C GLY D 120 6.46 10.77 25.35
N GLY D 121 6.24 10.54 24.06
CA GLY D 121 6.92 11.27 23.01
C GLY D 121 6.53 12.72 22.77
N ALA D 122 5.25 13.04 22.94
CA ALA D 122 4.78 14.39 22.65
C ALA D 122 3.85 14.95 23.73
N PRO D 123 4.43 15.45 24.84
CA PRO D 123 3.65 15.96 25.96
C PRO D 123 3.13 17.38 25.73
N ILE D 124 3.81 18.15 24.89
CA ILE D 124 3.44 19.53 24.64
C ILE D 124 2.16 19.59 23.80
N HIS D 125 2.11 18.74 22.78
CA HIS D 125 0.92 18.58 21.97
C HIS D 125 -0.29 18.25 22.83
N TYR D 126 -0.17 17.16 23.59
CA TYR D 126 -1.25 16.66 24.45
C TYR D 126 -1.76 17.67 25.46
N ALA D 127 -0.84 18.44 26.04
CA ALA D 127 -1.19 19.39 27.10
C ALA D 127 -2.22 20.42 26.66
N ILE D 128 -2.10 20.89 25.42
CA ILE D 128 -3.03 21.87 24.89
C ILE D 128 -4.39 21.25 24.55
N GLU D 130 -5.71 18.69 25.72
CA GLU D 130 -6.37 18.33 26.97
C GLU D 130 -7.00 19.56 27.61
N GLY D 131 -6.56 20.73 27.17
CA GLY D 131 -7.12 21.98 27.65
C GLY D 131 -6.51 22.43 28.97
N LYS D 132 -5.31 21.94 29.24
CA LYS D 132 -4.61 22.31 30.46
C LYS D 132 -4.35 23.80 30.53
N GLU D 133 -4.51 24.38 31.71
CA GLU D 133 -4.26 25.79 31.91
C GLU D 133 -2.76 26.01 32.11
N LYS D 134 -2.10 25.00 32.65
CA LYS D 134 -0.67 25.06 32.92
C LYS D 134 -0.01 23.71 32.63
N THR D 135 1.28 23.75 32.32
CA THR D 135 2.08 22.53 32.18
C THR D 135 3.45 22.81 32.80
N GLY D 136 4.48 22.08 32.39
CA GLY D 136 5.81 22.38 32.89
C GLY D 136 6.92 21.45 32.46
N ILE D 137 8.07 21.60 33.11
CA ILE D 137 9.25 20.80 32.83
C ILE D 137 9.58 19.92 34.04
N THR D 138 9.91 18.66 33.76
CA THR D 138 10.40 17.77 34.81
C THR D 138 11.79 17.26 34.44
N ILE D 139 12.73 17.39 35.38
CA ILE D 139 14.04 16.76 35.23
C ILE D 139 14.12 15.55 36.15
N TYR D 141 15.72 11.25 36.76
CA TYR D 141 16.72 10.24 36.42
C TYR D 141 16.20 9.42 35.25
N VAL D 143 15.67 5.89 33.35
CA VAL D 143 15.58 4.46 33.62
C VAL D 143 15.23 3.78 32.31
N GLU D 144 15.37 2.46 32.27
N GLU D 144 15.35 2.46 32.27
CA GLU D 144 15.08 1.71 31.05
CA GLU D 144 15.08 1.70 31.06
C GLU D 144 13.61 1.80 30.64
C GLU D 144 13.61 1.78 30.65
N LYS D 145 12.73 1.93 31.63
CA LYS D 145 11.32 2.14 31.36
C LYS D 145 11.08 3.61 31.04
N LEU D 146 10.66 3.87 29.80
CA LEU D 146 10.55 5.23 29.26
C LEU D 146 9.92 6.27 30.20
N ASP D 147 10.67 7.33 30.48
CA ASP D 147 10.20 8.49 31.24
C ASP D 147 9.62 8.15 32.62
N ALA D 148 10.11 7.08 33.24
CA ALA D 148 9.54 6.61 34.49
C ALA D 148 10.44 6.88 35.70
N GLY D 149 11.55 7.55 35.48
CA GLY D 149 12.52 7.80 36.55
C GLY D 149 12.03 8.75 37.64
N ASP D 150 12.68 8.69 38.79
CA ASP D 150 12.32 9.53 39.92
C ASP D 150 12.55 11.01 39.63
N ILE D 151 11.54 11.81 39.94
CA ILE D 151 11.57 13.24 39.71
C ILE D 151 12.61 13.94 40.59
N LEU D 152 13.30 14.94 40.04
CA LEU D 152 14.27 15.72 40.80
C LEU D 152 13.77 17.14 41.02
N THR D 153 13.47 17.84 39.93
CA THR D 153 12.95 19.19 39.97
C THR D 153 11.81 19.37 38.97
N GLN D 154 10.98 20.38 39.21
CA GLN D 154 9.87 20.70 38.31
C GLN D 154 9.62 22.21 38.31
N VAL D 155 9.28 22.74 37.14
CA VAL D 155 8.86 24.13 37.03
C VAL D 155 7.59 24.21 36.18
N GLU D 156 6.71 25.13 36.53
CA GLU D 156 5.44 25.24 35.83
C GLU D 156 5.44 26.31 34.74
N VAL D 157 4.69 26.04 33.67
CA VAL D 157 4.55 26.97 32.56
C VAL D 157 3.09 27.12 32.14
N GLU D 158 2.59 28.34 32.25
CA GLU D 158 1.22 28.69 31.88
C GLU D 158 0.95 28.53 30.39
N ILE D 159 -0.16 27.89 30.06
CA ILE D 159 -0.60 27.77 28.68
C ILE D 159 -1.57 28.89 28.35
N GLU D 160 -1.14 29.84 27.53
CA GLU D 160 -1.99 30.99 27.21
C GLU D 160 -3.16 30.56 26.34
N GLU D 161 -4.21 31.37 26.31
CA GLU D 161 -5.43 30.99 25.60
C GLU D 161 -5.26 31.00 24.08
N ARG D 162 -4.24 31.70 23.60
CA ARG D 162 -3.94 31.73 22.17
C ARG D 162 -2.61 31.03 21.90
N GLU D 163 -2.19 30.19 22.83
CA GLU D 163 -0.94 29.46 22.72
C GLU D 163 -1.05 28.37 21.67
N THR D 164 0.06 28.05 21.02
CA THR D 164 0.13 26.90 20.13
C THR D 164 1.21 25.96 20.63
N THR D 165 1.31 24.79 20.01
CA THR D 165 2.35 23.84 20.37
C THR D 165 3.71 24.42 20.01
N GLY D 166 3.76 25.16 18.91
CA GLY D 166 4.98 25.80 18.46
C GLY D 166 5.51 26.80 19.46
N SER D 167 4.64 27.67 19.95
CA SER D 167 5.05 28.71 20.90
C SER D 167 5.28 28.14 22.29
N LEU D 168 4.63 27.03 22.61
CA LEU D 168 4.81 26.39 23.91
C LEU D 168 6.08 25.54 23.92
N PHE D 169 6.48 25.05 22.76
CA PHE D 169 7.75 24.34 22.62
C PHE D 169 8.90 25.28 22.95
N ASP D 170 8.88 26.47 22.35
CA ASP D 170 9.90 27.48 22.60
C ASP D 170 9.88 27.89 24.07
N LYS D 171 8.68 28.08 24.60
CA LYS D 171 8.47 28.45 26.00
C LYS D 171 9.15 27.44 26.91
N LEU D 172 8.83 26.17 26.70
CA LEU D 172 9.38 25.09 27.52
C LEU D 172 10.85 24.85 27.22
N SER D 173 11.27 25.14 26.00
CA SER D 173 12.65 24.93 25.57
C SER D 173 13.63 25.70 26.45
N GLU D 174 13.30 26.96 26.73
CA GLU D 174 14.14 27.82 27.56
C GLU D 174 13.91 27.58 29.04
N ALA D 175 12.67 27.29 29.42
CA ALA D 175 12.34 27.02 30.81
C ALA D 175 13.13 25.82 31.32
N GLY D 176 13.25 24.81 30.48
CA GLY D 176 14.05 23.63 30.80
C GLY D 176 15.52 23.98 30.89
N ALA D 177 15.99 24.87 30.03
CA ALA D 177 17.37 25.32 30.06
C ALA D 177 17.67 26.03 31.38
N HIS D 178 16.73 26.87 31.81
CA HIS D 178 16.88 27.60 33.06
C HIS D 178 16.77 26.66 34.26
N LEU D 179 15.86 25.70 34.16
CA LEU D 179 15.66 24.74 35.24
C LEU D 179 16.85 23.83 35.40
N LEU D 180 17.47 23.47 34.29
CA LEU D 180 18.64 22.59 34.32
C LEU D 180 19.84 23.27 34.95
N SER D 181 20.01 24.56 34.64
CA SER D 181 21.11 25.35 35.19
C SER D 181 21.07 25.36 36.71
N LYS D 182 19.87 25.38 37.26
CA LYS D 182 19.65 25.40 38.70
C LYS D 182 19.83 24.02 39.31
N THR D 183 19.36 23.00 38.59
CA THR D 183 19.27 21.64 39.11
C THR D 183 20.62 20.94 39.30
N VAL D 184 21.45 20.97 38.27
CA VAL D 184 22.73 20.25 38.28
C VAL D 184 23.64 20.53 39.50
N PRO D 185 23.81 21.81 39.88
CA PRO D 185 24.64 22.06 41.08
C PRO D 185 24.11 21.35 42.33
N LEU D 186 22.80 21.34 42.51
CA LEU D 186 22.19 20.71 43.68
C LEU D 186 22.30 19.20 43.64
N LEU D 187 22.32 18.65 42.42
CA LEU D 187 22.40 17.21 42.24
C LEU D 187 23.79 16.70 42.64
N ILE D 188 24.81 17.44 42.24
CA ILE D 188 26.19 17.12 42.57
C ILE D 188 26.41 17.20 44.08
N GLN D 189 25.73 18.15 44.71
CA GLN D 189 25.81 18.33 46.15
C GLN D 189 24.88 17.37 46.89
N GLY D 190 24.07 16.65 46.13
CA GLY D 190 23.16 15.66 46.69
C GLY D 190 22.05 16.24 47.55
N LYS D 191 21.75 17.52 47.36
CA LYS D 191 20.75 18.21 48.16
C LYS D 191 19.33 17.92 47.69
N LEU D 192 19.20 17.06 46.68
CA LEU D 192 17.89 16.68 46.16
C LEU D 192 17.46 15.33 46.68
N GLU D 193 16.20 15.24 47.11
CA GLU D 193 15.59 13.96 47.43
C GLU D 193 14.67 13.56 46.30
N PRO D 194 15.10 12.60 45.47
CA PRO D 194 14.29 12.17 44.33
C PRO D 194 12.96 11.57 44.75
N ILE D 195 11.88 12.11 44.19
CA ILE D 195 10.53 11.64 44.49
C ILE D 195 10.14 10.51 43.53
N LYS D 196 9.74 9.38 44.09
CA LYS D 196 9.30 8.25 43.29
C LYS D 196 8.01 8.59 42.56
N GLN D 197 7.90 8.20 41.30
CA GLN D 197 6.69 8.45 40.54
C GLN D 197 5.54 7.54 41.00
N ASN D 198 4.39 8.14 41.27
CA ASN D 198 3.20 7.39 41.65
C ASN D 198 2.47 6.88 40.40
N GLU D 199 2.47 5.58 40.21
CA GLU D 199 1.92 4.97 39.00
C GLU D 199 0.42 5.22 38.81
N GLU D 200 -0.29 5.43 39.91
CA GLU D 200 -1.72 5.65 39.88
C GLU D 200 -2.10 6.94 39.15
N GLU D 201 -1.19 7.92 39.15
CA GLU D 201 -1.47 9.23 38.56
C GLU D 201 -0.82 9.42 37.19
N VAL D 202 -0.20 8.36 36.67
CA VAL D 202 0.47 8.44 35.39
C VAL D 202 -0.52 8.55 34.23
N THR D 203 -0.24 9.45 33.29
CA THR D 203 -0.88 9.43 31.99
C THR D 203 0.20 9.30 30.93
N PHE D 204 -0.19 9.08 29.68
CA PHE D 204 0.79 8.85 28.63
C PHE D 204 0.51 9.67 27.37
N ALA D 205 1.55 10.24 26.80
CA ALA D 205 1.44 11.05 25.60
C ALA D 205 2.07 10.35 24.40
N TYR D 206 1.31 9.45 23.79
CA TYR D 206 1.79 8.73 22.60
C TYR D 206 2.01 9.71 21.47
N ASN D 207 2.78 9.30 20.47
CA ASN D 207 2.99 10.16 19.30
C ASN D 207 1.75 10.21 18.42
N ILE D 208 1.40 11.41 17.99
CA ILE D 208 0.15 11.67 17.29
C ILE D 208 -0.01 10.86 16.01
N LYS D 209 -1.11 10.10 15.95
CA LYS D 209 -1.45 9.35 14.75
C LYS D 209 -2.45 10.17 13.94
N ARG D 210 -2.51 9.92 12.64
CA ARG D 210 -3.41 10.66 11.75
C ARG D 210 -4.86 10.66 12.22
N GLU D 211 -5.29 9.55 12.81
CA GLU D 211 -6.65 9.41 13.29
C GLU D 211 -6.94 10.42 14.41
N GLN D 212 -5.87 10.87 15.07
CA GLN D 212 -5.98 11.83 16.16
C GLN D 212 -5.81 13.27 15.67
N GLU D 213 -5.55 13.42 14.38
CA GLU D 213 -5.44 14.76 13.78
C GLU D 213 -6.81 15.21 13.27
N LYS D 214 -7.72 14.24 13.13
CA LYS D 214 -9.07 14.50 12.64
C LYS D 214 -9.89 15.26 13.67
N ILE D 215 -10.61 16.28 13.22
CA ILE D 215 -11.47 17.05 14.10
C ILE D 215 -12.80 16.34 14.30
N ASP D 216 -13.19 16.19 15.57
CA ASP D 216 -14.51 15.68 15.90
C ASP D 216 -15.40 16.83 16.36
N TRP D 217 -16.28 17.28 15.48
CA TRP D 217 -17.12 18.44 15.76
C TRP D 217 -18.22 18.16 16.80
N THR D 218 -18.36 16.89 17.19
CA THR D 218 -19.35 16.54 18.21
C THR D 218 -18.90 16.99 19.59
N LYS D 219 -17.64 17.42 19.69
CA LYS D 219 -17.10 17.96 20.92
C LYS D 219 -17.47 19.42 21.06
N THR D 220 -17.18 20.00 22.23
CA THR D 220 -17.47 21.41 22.46
C THR D 220 -16.56 22.29 21.62
N GLY D 221 -16.91 23.56 21.51
CA GLY D 221 -16.09 24.51 20.77
C GLY D 221 -14.79 24.81 21.48
N GLU D 222 -14.76 24.55 22.78
CA GLU D 222 -13.55 24.77 23.58
C GLU D 222 -12.53 23.69 23.29
N GLU D 223 -12.99 22.44 23.23
CA GLU D 223 -12.13 21.31 22.90
C GLU D 223 -11.57 21.44 21.50
N VAL D 224 -12.45 21.68 20.53
CA VAL D 224 -12.06 21.80 19.13
C VAL D 224 -11.05 22.93 18.94
N TYR D 225 -11.22 23.99 19.73
CA TYR D 225 -10.27 25.10 19.73
C TYR D 225 -8.89 24.62 20.17
N ASN D 226 -8.86 23.80 21.22
CA ASN D 226 -7.61 23.24 21.73
C ASN D 226 -6.99 22.26 20.75
N HIS D 227 -7.84 21.51 20.06
CA HIS D 227 -7.39 20.51 19.10
C HIS D 227 -6.62 21.19 17.97
N ILE D 228 -7.24 22.20 17.37
CA ILE D 228 -6.64 22.93 16.26
C ILE D 228 -5.28 23.52 16.61
N ARG D 229 -5.24 24.35 17.65
CA ARG D 229 -4.00 25.00 18.07
C ARG D 229 -3.03 24.02 18.72
N GLY D 230 -3.53 22.87 19.14
CA GLY D 230 -2.69 21.86 19.76
C GLY D 230 -1.84 21.12 18.75
N LEU D 231 -2.28 21.12 17.49
CA LEU D 231 -1.57 20.44 16.41
C LEU D 231 -0.83 21.44 15.53
N ASN D 232 -0.75 22.67 15.99
CA ASN D 232 -0.08 23.76 15.28
C ASN D 232 1.31 23.96 15.84
N PRO D 233 2.35 24.01 14.98
CA PRO D 233 2.38 23.98 13.51
C PRO D 233 2.55 22.58 12.90
N TRP D 234 2.61 21.55 13.74
N TRP D 234 2.57 21.55 13.73
CA TRP D 234 2.67 20.19 13.25
CA TRP D 234 2.69 20.17 13.25
C TRP D 234 2.07 19.25 14.28
C TRP D 234 2.08 19.24 14.28
N PRO D 235 1.36 18.20 13.83
CA PRO D 235 1.11 17.85 12.42
C PRO D 235 -0.09 18.56 11.77
N VAL D 236 -0.67 19.54 12.46
CA VAL D 236 -1.83 20.28 11.96
C VAL D 236 -3.13 19.47 11.86
N ALA D 237 -4.16 19.97 12.51
CA ALA D 237 -5.47 19.33 12.49
C ALA D 237 -6.07 19.34 11.09
N TYR D 238 -6.88 18.33 10.81
CA TYR D 238 -7.58 18.27 9.54
C TYR D 238 -9.05 17.91 9.72
N THR D 239 -9.84 18.18 8.69
CA THR D 239 -11.22 17.74 8.61
C THR D 239 -11.56 17.64 7.14
N THR D 240 -12.80 17.30 6.81
CA THR D 240 -13.18 17.16 5.41
C THR D 240 -14.27 18.13 4.96
N LEU D 241 -14.15 18.57 3.71
CA LEU D 241 -15.13 19.45 3.10
C LEU D 241 -15.45 18.94 1.69
N ALA D 242 -16.70 18.58 1.46
CA ALA D 242 -17.16 18.08 0.17
C ALA D 242 -16.31 16.91 -0.33
N GLY D 243 -15.96 16.01 0.58
CA GLY D 243 -15.21 14.82 0.22
C GLY D 243 -13.71 15.02 0.12
N GLN D 244 -13.26 16.25 0.38
CA GLN D 244 -11.85 16.58 0.32
C GLN D 244 -11.29 16.92 1.71
N VAL D 245 -10.12 16.38 2.03
CA VAL D 245 -9.48 16.66 3.30
C VAL D 245 -8.96 18.10 3.33
N VAL D 246 -9.27 18.80 4.41
CA VAL D 246 -8.81 20.17 4.59
C VAL D 246 -8.16 20.32 5.96
N LYS D 247 -6.87 20.67 5.96
CA LYS D 247 -6.19 20.95 7.22
C LYS D 247 -6.62 22.30 7.78
N VAL D 248 -6.74 22.36 9.10
CA VAL D 248 -7.18 23.58 9.77
C VAL D 248 -6.09 24.12 10.66
N TRP D 249 -5.49 25.24 10.24
CA TRP D 249 -4.41 25.86 11.00
C TRP D 249 -4.91 26.65 12.19
N TRP D 250 -5.89 27.53 11.94
CA TRP D 250 -6.49 28.27 13.04
C TRP D 250 -8.00 28.42 12.89
N GLY D 251 -8.70 28.30 14.02
CA GLY D 251 -10.12 28.57 14.07
C GLY D 251 -10.41 29.40 15.30
N GLU D 252 -11.42 30.26 15.22
CA GLU D 252 -11.76 31.11 16.36
C GLU D 252 -13.05 30.71 17.06
N LYS D 253 -13.05 30.85 18.38
CA LYS D 253 -14.22 30.55 19.19
C LYS D 253 -15.24 31.68 19.08
N VAL D 254 -16.36 31.39 18.42
CA VAL D 254 -17.46 32.34 18.30
C VAL D 254 -18.79 31.69 18.65
N PRO D 255 -19.64 32.41 19.39
CA PRO D 255 -20.96 31.87 19.71
C PRO D 255 -21.82 31.79 18.45
N VAL D 256 -22.42 30.63 18.22
CA VAL D 256 -23.31 30.45 17.07
C VAL D 256 -24.67 31.05 17.39
N THR D 257 -25.14 31.91 16.49
CA THR D 257 -26.42 32.60 16.66
C THR D 257 -27.56 31.61 16.81
N LYS D 258 -27.50 30.52 16.06
CA LYS D 258 -28.56 29.52 16.06
C LYS D 258 -28.15 28.24 16.77
N SER D 259 -29.01 27.23 16.69
CA SER D 259 -28.68 25.90 17.19
C SER D 259 -28.71 24.94 16.02
N ALA D 260 -27.63 24.21 15.82
CA ALA D 260 -27.53 23.35 14.64
C ALA D 260 -26.77 22.05 14.91
N GLU D 261 -26.87 21.14 13.94
CA GLU D 261 -26.12 19.89 13.96
C GLU D 261 -24.62 20.19 14.07
N ALA D 262 -23.92 19.38 14.85
CA ALA D 262 -22.48 19.53 14.97
C ALA D 262 -21.82 19.35 13.60
N GLY D 263 -20.89 20.22 13.27
CA GLY D 263 -20.18 20.15 12.01
C GLY D 263 -20.91 20.86 10.87
N THR D 264 -21.90 21.66 11.23
CA THR D 264 -22.66 22.43 10.24
C THR D 264 -22.10 23.84 10.11
N ILE D 265 -21.87 24.28 8.87
CA ILE D 265 -21.49 25.67 8.62
C ILE D 265 -22.70 26.54 8.89
N VAL D 266 -22.61 27.34 9.96
CA VAL D 266 -23.76 28.08 10.46
C VAL D 266 -23.73 29.57 10.12
N ALA D 267 -22.59 30.03 9.61
CA ALA D 267 -22.44 31.44 9.26
C ALA D 267 -21.21 31.65 8.39
N ILE D 268 -21.12 32.84 7.80
CA ILE D 268 -19.94 33.24 7.03
C ILE D 268 -19.60 34.70 7.28
N GLU D 269 -18.48 34.93 7.96
CA GLU D 269 -17.97 36.28 8.17
C GLU D 269 -16.94 36.57 7.09
N GLU D 270 -16.18 37.66 7.26
CA GLU D 270 -15.21 38.04 6.24
C GLU D 270 -13.85 37.35 6.41
N ASP D 271 -13.50 37.01 7.64
CA ASP D 271 -12.22 36.38 7.92
C ASP D 271 -12.34 34.87 8.07
N GLY D 272 -13.51 34.32 7.75
CA GLY D 272 -13.72 32.89 7.83
C GLY D 272 -15.18 32.48 7.81
N PHE D 273 -15.43 31.23 8.20
CA PHE D 273 -16.80 30.73 8.32
C PHE D 273 -16.97 29.92 9.60
N VAL D 274 -18.16 30.00 10.19
CA VAL D 274 -18.40 29.36 11.48
C VAL D 274 -18.91 27.93 11.34
N VAL D 275 -18.32 27.01 12.10
CA VAL D 275 -18.77 25.63 12.13
C VAL D 275 -19.32 25.28 13.51
N ALA D 276 -20.56 24.83 13.55
CA ALA D 276 -21.21 24.45 14.80
C ALA D 276 -20.54 23.22 15.41
N THR D 277 -20.61 23.13 16.74
CA THR D 277 -19.95 22.04 17.45
C THR D 277 -20.91 21.29 18.37
N GLY D 278 -20.36 20.62 19.37
CA GLY D 278 -21.14 19.89 20.35
C GLY D 278 -21.81 20.80 21.35
N ASN D 279 -21.46 22.08 21.33
CA ASN D 279 -22.17 23.08 22.12
C ASN D 279 -22.53 24.31 21.31
N GLU D 280 -22.84 25.40 21.99
CA GLU D 280 -23.28 26.61 21.32
C GLU D 280 -22.10 27.54 21.02
N THR D 281 -20.90 27.01 21.16
CA THR D 281 -19.69 27.71 20.75
C THR D 281 -19.16 27.10 19.47
N GLY D 282 -19.30 27.81 18.37
CA GLY D 282 -18.81 27.33 17.09
C GLY D 282 -17.36 27.71 16.87
N VAL D 283 -16.80 27.23 15.76
CA VAL D 283 -15.43 27.57 15.42
C VAL D 283 -15.37 28.25 14.06
N LYS D 284 -14.95 29.51 14.06
CA LYS D 284 -14.73 30.23 12.82
C LYS D 284 -13.31 29.98 12.34
N ILE D 285 -13.19 29.17 11.30
CA ILE D 285 -11.89 28.82 10.76
C ILE D 285 -11.33 29.99 9.96
N THR D 286 -10.21 30.54 10.43
CA THR D 286 -9.61 31.72 9.82
C THR D 286 -8.38 31.36 9.00
N GLU D 287 -7.70 30.29 9.39
CA GLU D 287 -6.55 29.80 8.64
C GLU D 287 -6.68 28.31 8.40
N LEU D 288 -6.53 27.90 7.14
CA LEU D 288 -6.77 26.52 6.76
C LEU D 288 -5.92 26.11 5.57
N GLN D 289 -5.98 24.83 5.22
CA GLN D 289 -5.30 24.34 4.02
C GLN D 289 -5.96 23.09 3.46
N PRO D 290 -6.56 23.21 2.26
CA PRO D 290 -7.15 22.10 1.51
C PRO D 290 -6.09 21.23 0.85
N SER D 291 -6.41 19.96 0.60
CA SER D 291 -5.46 19.00 0.06
C SER D 291 -4.92 19.40 -1.32
N GLY D 292 -3.61 19.34 -1.45
CA GLY D 292 -2.94 19.64 -2.72
C GLY D 292 -2.77 21.12 -2.98
N LYS D 293 -3.46 21.95 -2.21
CA LYS D 293 -3.38 23.40 -2.40
C LYS D 293 -2.39 24.04 -1.44
N LYS D 294 -2.53 25.35 -1.22
CA LYS D 294 -1.55 26.10 -0.44
C LYS D 294 -2.14 26.59 0.88
N ARG D 295 -1.28 26.82 1.87
CA ARG D 295 -1.72 27.35 3.15
C ARG D 295 -2.10 28.82 3.01
N SER D 297 -5.06 32.16 4.42
CA SER D 297 -6.07 32.63 5.35
C SER D 297 -7.43 32.30 4.76
N CYS D 298 -8.42 32.04 5.61
CA CYS D 298 -9.74 31.66 5.14
C CYS D 298 -10.42 32.84 4.48
N SER D 299 -10.06 34.05 4.91
CA SER D 299 -10.53 35.27 4.27
C SER D 299 -10.07 35.30 2.82
N GLN D 300 -8.89 34.72 2.58
CA GLN D 300 -8.34 34.57 1.24
C GLN D 300 -8.99 33.39 0.54
N PHE D 301 -9.21 32.31 1.29
CA PHE D 301 -9.78 31.09 0.75
C PHE D 301 -11.20 31.28 0.24
N LEU D 302 -12.00 32.03 1.01
CA LEU D 302 -13.40 32.27 0.68
C LEU D 302 -13.58 33.02 -0.64
N ARG D 303 -12.51 33.61 -1.14
CA ARG D 303 -12.56 34.38 -2.37
C ARG D 303 -12.89 33.50 -3.57
N GLY D 304 -12.36 32.28 -3.58
CA GLY D 304 -12.47 31.40 -4.73
C GLY D 304 -13.20 30.08 -4.53
N THR D 305 -13.92 29.95 -3.42
CA THR D 305 -14.68 28.73 -3.16
C THR D 305 -16.11 29.02 -2.71
N LYS D 306 -16.26 29.72 -1.59
CA LYS D 306 -17.57 30.07 -1.04
C LYS D 306 -18.47 28.86 -0.81
N PRO D 307 -18.21 28.09 0.25
CA PRO D 307 -19.09 26.95 0.57
C PRO D 307 -20.49 27.43 0.95
N GLU D 308 -21.47 26.55 0.84
CA GLU D 308 -22.83 26.90 1.19
C GLU D 308 -23.09 26.72 2.68
N ILE D 309 -23.80 27.68 3.27
CA ILE D 309 -24.19 27.63 4.66
C ILE D 309 -25.11 26.43 4.90
N GLY D 310 -24.74 25.57 5.85
CA GLY D 310 -25.52 24.39 6.14
C GLY D 310 -24.82 23.11 5.72
N THR D 311 -23.63 23.26 5.16
CA THR D 311 -22.83 22.12 4.73
C THR D 311 -22.32 21.36 5.96
N LYS D 312 -22.11 20.07 5.77
CA LYS D 312 -21.56 19.19 6.79
C LYS D 312 -20.08 18.97 6.54
N LEU D 313 -19.33 18.98 7.63
CA LEU D 313 -17.91 18.79 7.56
C LEU D 313 -17.57 17.46 8.16
N GLY D 314 -16.86 16.66 7.39
CA GLY D 314 -16.27 15.41 7.82
C GLY D 314 -17.01 14.11 7.56
N GLU D 315 -16.60 13.42 6.51
CA GLU D 315 -17.03 12.05 6.26
C GLU D 315 -16.61 11.61 4.86
#